data_6O4X
#
_entry.id   6O4X
#
_cell.length_a   124.633
_cell.length_b   124.633
_cell.length_c   129.657
_cell.angle_alpha   90.00
_cell.angle_beta   90.00
_cell.angle_gamma   120.00
#
_symmetry.space_group_name_H-M   'P 31'
#
loop_
_entity.id
_entity.type
_entity.pdbx_description
1 polymer Acetylcholinesterase
2 non-polymer GLYCEROL
3 non-polymer 'NITRATE ION'
4 non-polymer 9-AMINOACRIDINE
5 water water
#
_entity_poly.entity_id   1
_entity_poly.type   'polypeptide(L)'
_entity_poly.pdbx_seq_one_letter_code
;GPLEGREDAELLVTVRGGRLRGIRLKTPGGPVSAFLGIPFAEPPMGPRRFLPPEPKQPWSGVVDATTFQSVCYQYVDTLY
PGFEGTEMWNPNRELSEDCLYLNVWTPYPRPTSPTPVLVWIYGGGFYSGASSLDVYDGRFLVQAERTVLVSMNYRVGAFG
FLALPGSREAPGNVGLLDQRLALQWVQENVAAFGGDPTSVTLFGESAGAASVGMHLLSPPSRGLFHRAVLQSGAPNGPWA
TVGMGEARRRATQLAHLVGCPPGGTGGNDTELVACLRTRPAQVLVNHEWHVLPQESVFRFSFVPVVDGDFLSDTPEALIN
AGDFHGLQVLVGVVKDEGSYFLVYGAPGFSKDNESLISRAEFLAGVRVGVPQVSDLAAEAVVLHYTDWLHPEDPARLREA
LSDVVGDHNVVCPVAQLAGRLAAQGARVYAYVFEHRASTLSWPLWMGVPHGYEIEFIFGIPLDPSRNYTAEEKIFAQRLM
RYWANFARTGDPNEPRDPKAPQWPPYTAGAQQYVSLDLRPLEVRRGLRAQACAFWNRFLPKLLSATDTLD
;
_entity_poly.pdbx_strand_id   A,B
#
loop_
_chem_comp.id
_chem_comp.type
_chem_comp.name
_chem_comp.formula
AA non-polymer 9-AMINOACRIDINE 'C13 H11 N2 1'
GOL non-polymer GLYCEROL 'C3 H8 O3'
NO3 non-polymer 'NITRATE ION' 'N O3 -1'
#
# COMPACT_ATOMS: atom_id res chain seq x y z
N GLU A 7 35.12 -5.86 31.27
CA GLU A 7 34.41 -5.98 29.99
C GLU A 7 33.06 -5.30 30.03
N ASP A 8 32.09 -5.94 30.69
CA ASP A 8 30.74 -5.40 30.78
C ASP A 8 30.67 -4.09 31.55
N ALA A 9 31.75 -3.69 32.23
CA ALA A 9 31.82 -2.34 32.77
C ALA A 9 31.85 -1.29 31.67
N GLU A 10 32.29 -1.65 30.47
CA GLU A 10 32.25 -0.74 29.33
C GLU A 10 30.81 -0.40 28.92
N LEU A 11 29.85 -1.26 29.23
CA LEU A 11 28.46 -1.01 28.88
C LEU A 11 27.76 -0.05 29.82
N LEU A 12 28.46 0.51 30.81
CA LEU A 12 27.89 1.44 31.77
C LEU A 12 28.51 2.81 31.53
N VAL A 13 27.70 3.77 31.11
CA VAL A 13 28.16 5.13 30.84
C VAL A 13 27.16 6.09 31.45
N THR A 14 27.66 7.19 31.99
CA THR A 14 26.84 8.25 32.55
C THR A 14 26.93 9.48 31.67
N VAL A 15 25.77 10.01 31.29
CA VAL A 15 25.71 11.24 30.50
C VAL A 15 25.04 12.32 31.35
N ARG A 16 24.88 13.52 30.79
CA ARG A 16 24.33 14.64 31.54
C ARG A 16 22.90 14.38 32.01
N GLY A 17 22.17 13.50 31.34
CA GLY A 17 20.81 13.20 31.73
C GLY A 17 20.73 12.11 32.78
N GLY A 18 21.68 11.18 32.76
CA GLY A 18 21.67 10.08 33.71
C GLY A 18 22.58 8.96 33.23
N ARG A 19 22.31 7.77 33.77
CA ARG A 19 23.10 6.59 33.45
C ARG A 19 22.47 5.81 32.30
N LEU A 20 23.31 5.04 31.61
CA LEU A 20 22.89 4.24 30.47
C LEU A 20 23.58 2.89 30.51
N ARG A 21 22.87 1.87 30.03
CA ARG A 21 23.42 0.53 29.87
C ARG A 21 23.40 0.15 28.39
N GLY A 22 24.56 -0.19 27.85
CA GLY A 22 24.69 -0.52 26.45
C GLY A 22 24.72 -2.02 26.22
N ILE A 23 25.04 -2.38 24.97
CA ILE A 23 25.10 -3.77 24.54
C ILE A 23 26.36 -3.96 23.71
N ARG A 24 26.90 -5.17 23.75
CA ARG A 24 28.13 -5.51 23.05
C ARG A 24 27.79 -6.28 21.78
N LEU A 25 28.20 -5.73 20.63
CA LEU A 25 27.92 -6.31 19.33
C LEU A 25 29.14 -7.06 18.80
N LYS A 26 28.88 -8.09 18.01
CA LYS A 26 29.92 -8.95 17.46
C LYS A 26 30.15 -8.62 15.99
N THR A 27 31.42 -8.50 15.61
CA THR A 27 31.87 -8.36 14.24
C THR A 27 32.97 -9.37 13.99
N PRO A 28 33.21 -9.75 12.73
CA PRO A 28 34.29 -10.72 12.45
C PRO A 28 35.66 -10.27 12.93
N GLY A 29 35.85 -8.98 13.19
CA GLY A 29 37.13 -8.47 13.66
C GLY A 29 37.18 -8.06 15.12
N GLY A 30 36.13 -8.33 15.89
CA GLY A 30 36.12 -7.98 17.29
C GLY A 30 34.83 -7.32 17.72
N PRO A 31 34.69 -7.08 19.02
CA PRO A 31 33.45 -6.48 19.54
C PRO A 31 33.47 -4.97 19.52
N VAL A 32 32.27 -4.40 19.58
CA VAL A 32 32.07 -2.96 19.75
C VAL A 32 31.02 -2.76 20.83
N SER A 33 30.93 -1.54 21.33
CA SER A 33 29.98 -1.17 22.36
C SER A 33 28.99 -0.18 21.79
N ALA A 34 27.71 -0.54 21.81
CA ALA A 34 26.67 0.32 21.26
C ALA A 34 25.69 0.71 22.37
N PHE A 35 25.17 1.93 22.24
CA PHE A 35 24.19 2.48 23.18
C PHE A 35 23.04 2.97 22.32
N LEU A 36 22.06 2.10 22.13
CA LEU A 36 20.98 2.31 21.16
C LEU A 36 19.73 2.78 21.89
N GLY A 37 19.11 3.83 21.37
CA GLY A 37 17.87 4.32 21.94
C GLY A 37 18.04 5.32 23.07
N ILE A 38 19.08 6.13 23.03
CA ILE A 38 19.30 7.16 24.04
C ILE A 38 18.31 8.30 23.77
N PRO A 39 17.49 8.68 24.73
CA PRO A 39 16.60 9.84 24.53
C PRO A 39 17.38 11.14 24.60
N PHE A 40 17.26 11.95 23.55
CA PHE A 40 17.87 13.27 23.54
C PHE A 40 16.84 14.40 23.55
N ALA A 41 15.56 14.09 23.62
CA ALA A 41 14.54 15.12 23.62
C ALA A 41 13.30 14.62 24.34
N GLU A 42 12.52 15.57 24.85
CA GLU A 42 11.20 15.22 25.37
C GLU A 42 10.33 14.68 24.25
N PRO A 43 9.48 13.69 24.52
CA PRO A 43 8.63 13.11 23.47
C PRO A 43 7.72 14.18 22.86
N PRO A 44 7.88 14.45 21.57
CA PRO A 44 7.09 15.52 20.90
C PRO A 44 5.66 15.06 20.59
N MET A 45 4.84 15.01 21.64
CA MET A 45 3.49 14.47 21.53
C MET A 45 2.50 15.45 22.12
N GLY A 46 1.21 15.22 21.82
CA GLY A 46 0.14 16.04 22.31
C GLY A 46 0.27 17.48 21.83
N PRO A 47 0.33 18.43 22.77
CA PRO A 47 0.51 19.84 22.39
C PRO A 47 1.89 20.13 21.83
N ARG A 48 2.82 19.17 21.89
CA ARG A 48 4.16 19.35 21.34
C ARG A 48 4.28 18.92 19.89
N ARG A 49 3.21 18.39 19.29
CA ARG A 49 3.24 18.06 17.88
C ARG A 49 3.41 19.32 17.04
N PHE A 50 4.34 19.27 16.08
CA PHE A 50 4.76 20.34 15.20
C PHE A 50 5.62 21.40 15.90
N LEU A 51 5.91 21.24 17.19
CA LEU A 51 6.70 22.23 17.90
C LEU A 51 8.18 21.87 17.89
N PRO A 52 9.06 22.85 18.06
CA PRO A 52 10.48 22.54 18.15
C PRO A 52 10.76 21.63 19.33
N PRO A 53 11.80 20.81 19.24
CA PRO A 53 12.07 19.85 20.32
C PRO A 53 12.58 20.56 21.57
N GLU A 54 12.35 19.91 22.71
CA GLU A 54 12.89 20.35 23.98
C GLU A 54 13.85 19.28 24.51
N PRO A 55 14.92 19.68 25.20
CA PRO A 55 15.90 18.70 25.68
C PRO A 55 15.26 17.72 26.65
N LYS A 56 15.73 16.47 26.58
CA LYS A 56 15.25 15.44 27.49
C LYS A 56 15.63 15.79 28.93
N GLN A 57 14.64 15.75 29.82
CA GLN A 57 14.89 16.02 31.23
C GLN A 57 15.75 14.91 31.83
N PRO A 58 16.58 15.23 32.82
CA PRO A 58 17.40 14.19 33.47
C PRO A 58 16.54 13.11 34.09
N TRP A 59 17.08 11.90 34.14
CA TRP A 59 16.35 10.74 34.62
C TRP A 59 17.12 10.05 35.74
N SER A 60 16.36 9.46 36.66
CA SER A 60 16.94 8.62 37.70
C SER A 60 16.95 7.17 37.25
N GLY A 61 17.83 6.39 37.84
CA GLY A 61 17.99 5.01 37.44
C GLY A 61 18.80 4.89 36.16
N VAL A 62 18.79 3.67 35.62
CA VAL A 62 19.57 3.34 34.44
C VAL A 62 18.61 3.14 33.27
N VAL A 63 18.72 3.99 32.27
CA VAL A 63 17.95 3.85 31.04
C VAL A 63 18.57 2.74 30.21
N ASP A 64 17.76 1.72 29.89
CA ASP A 64 18.25 0.60 29.08
C ASP A 64 18.46 1.05 27.65
N ALA A 65 19.67 0.91 27.15
CA ALA A 65 19.99 1.32 25.79
C ALA A 65 20.55 0.15 25.00
N THR A 66 19.83 -0.96 24.98
CA THR A 66 20.30 -2.19 24.36
C THR A 66 19.56 -2.53 23.06
N THR A 67 18.62 -1.70 22.63
CA THR A 67 17.90 -1.95 21.40
C THR A 67 17.43 -0.63 20.82
N PHE A 68 17.19 -0.62 19.51
CA PHE A 68 16.70 0.58 18.84
C PHE A 68 15.31 0.94 19.35
N GLN A 69 15.04 2.24 19.40
CA GLN A 69 13.74 2.74 19.83
C GLN A 69 12.80 2.82 18.63
N SER A 70 11.67 3.51 18.83
CA SER A 70 10.60 3.50 17.84
C SER A 70 10.94 4.38 16.64
N VAL A 71 10.35 4.02 15.50
CA VAL A 71 10.48 4.79 14.27
C VAL A 71 9.45 5.91 14.28
N CYS A 72 9.85 7.10 13.84
CA CYS A 72 8.88 8.19 13.72
C CYS A 72 7.83 7.83 12.68
N TYR A 73 6.61 8.35 12.90
CA TYR A 73 5.50 8.04 12.00
C TYR A 73 5.82 8.44 10.57
N GLN A 74 5.59 7.53 9.64
CA GLN A 74 5.96 7.76 8.26
C GLN A 74 5.17 6.81 7.36
N TYR A 75 4.99 7.23 6.11
CA TYR A 75 4.42 6.37 5.09
C TYR A 75 5.29 5.14 4.88
N VAL A 76 4.65 4.00 4.63
CA VAL A 76 5.33 2.72 4.44
C VAL A 76 5.12 2.29 2.99
N ASP A 77 6.22 1.97 2.30
CA ASP A 77 6.15 1.52 0.92
C ASP A 77 5.57 0.10 0.88
N THR A 78 4.41 -0.04 0.24
CA THR A 78 3.74 -1.34 0.14
C THR A 78 3.44 -1.72 -1.31
N LEU A 79 4.22 -1.19 -2.25
CA LEU A 79 4.02 -1.52 -3.67
C LEU A 79 4.57 -2.89 -4.04
N TYR A 80 5.47 -3.45 -3.24
CA TYR A 80 6.06 -4.76 -3.51
C TYR A 80 6.23 -5.50 -2.20
N PRO A 81 5.17 -6.13 -1.69
CA PRO A 81 5.27 -6.86 -0.42
C PRO A 81 6.29 -7.99 -0.50
N GLY A 82 7.20 -8.02 0.47
CA GLY A 82 8.22 -9.04 0.52
C GLY A 82 9.42 -8.82 -0.37
N PHE A 83 9.47 -7.71 -1.10
CA PHE A 83 10.59 -7.41 -1.97
C PHE A 83 11.69 -6.70 -1.18
N GLU A 84 12.89 -7.27 -1.19
CA GLU A 84 13.98 -6.72 -0.38
C GLU A 84 14.32 -5.30 -0.79
N GLY A 85 14.28 -5.00 -2.09
CA GLY A 85 14.62 -3.68 -2.59
C GLY A 85 13.82 -2.54 -1.99
N THR A 86 12.59 -2.81 -1.54
CA THR A 86 11.79 -1.77 -0.89
C THR A 86 11.72 -1.95 0.62
N GLU A 87 11.62 -3.19 1.12
CA GLU A 87 11.44 -3.42 2.55
C GLU A 87 12.64 -2.97 3.37
N MET A 88 13.84 -2.95 2.77
CA MET A 88 15.03 -2.56 3.53
C MET A 88 14.95 -1.11 4.01
N TRP A 89 14.15 -0.27 3.36
CA TRP A 89 14.00 1.13 3.76
C TRP A 89 12.79 1.36 4.66
N ASN A 90 11.90 0.37 4.78
CA ASN A 90 10.71 0.49 5.60
C ASN A 90 11.04 0.33 7.08
N PRO A 91 10.19 0.87 7.95
CA PRO A 91 10.47 0.81 9.40
C PRO A 91 10.58 -0.62 9.90
N ASN A 92 11.61 -0.86 10.72
CA ASN A 92 11.83 -2.15 11.36
C ASN A 92 11.53 -2.11 12.85
N ARG A 93 10.88 -1.05 13.32
CA ARG A 93 10.38 -0.92 14.68
C ARG A 93 8.99 -0.30 14.59
N GLU A 94 8.27 -0.33 15.72
CA GLU A 94 6.91 0.20 15.73
C GLU A 94 6.92 1.70 15.55
N LEU A 95 5.90 2.21 14.86
CA LEU A 95 5.79 3.64 14.63
C LEU A 95 5.30 4.34 15.89
N SER A 96 5.86 5.52 16.15
CA SER A 96 5.43 6.31 17.30
C SER A 96 5.92 7.74 17.13
N GLU A 97 5.18 8.68 17.72
CA GLU A 97 5.67 10.04 17.81
C GLU A 97 6.75 10.17 18.86
N ASP A 98 6.75 9.30 19.86
CA ASP A 98 7.86 9.19 20.81
C ASP A 98 8.99 8.46 20.10
N CYS A 99 9.79 9.23 19.35
CA CYS A 99 10.81 8.64 18.49
C CYS A 99 12.13 9.37 18.52
N LEU A 100 12.28 10.45 19.29
CA LEU A 100 13.51 11.24 19.29
C LEU A 100 14.54 10.54 20.17
N TYR A 101 15.23 9.57 19.57
CA TYR A 101 16.29 8.82 20.23
C TYR A 101 17.50 8.75 19.31
N LEU A 102 18.68 8.64 19.90
CA LEU A 102 19.91 8.53 19.13
C LEU A 102 20.69 7.29 19.56
N ASN A 103 21.68 6.93 18.75
CA ASN A 103 22.49 5.74 18.95
C ASN A 103 23.96 6.10 18.89
N VAL A 104 24.76 5.46 19.72
CA VAL A 104 26.20 5.69 19.79
C VAL A 104 26.91 4.35 19.73
N TRP A 105 27.77 4.17 18.73
CA TRP A 105 28.67 3.02 18.66
C TRP A 105 30.07 3.49 19.02
N THR A 106 30.72 2.76 19.92
CA THR A 106 32.08 3.10 20.32
C THR A 106 32.95 1.87 20.30
N PRO A 107 34.23 2.01 19.97
CA PRO A 107 35.10 0.83 19.86
C PRO A 107 35.28 0.13 21.20
N TYR A 108 35.64 -1.14 21.11
CA TYR A 108 36.04 -1.89 22.29
C TYR A 108 37.49 -2.32 22.17
N PRO A 109 38.35 -2.01 23.16
CA PRO A 109 38.01 -1.26 24.37
C PRO A 109 37.72 0.21 24.08
N ARG A 110 37.03 0.88 25.00
CA ARG A 110 36.69 2.28 24.79
C ARG A 110 37.97 3.10 24.58
N PRO A 111 37.96 4.04 23.64
CA PRO A 111 39.16 4.85 23.41
C PRO A 111 39.51 5.67 24.63
N THR A 112 40.81 5.69 24.96
CA THR A 112 41.33 6.48 26.06
C THR A 112 41.72 7.90 25.65
N SER A 113 41.96 8.12 24.37
CA SER A 113 42.22 9.43 23.80
C SER A 113 41.05 9.86 22.92
N PRO A 114 40.75 11.16 22.86
CA PRO A 114 39.59 11.61 22.09
C PRO A 114 39.66 11.16 20.63
N THR A 115 38.53 10.66 20.14
CA THR A 115 38.43 10.04 18.83
C THR A 115 37.45 10.82 17.95
N PRO A 116 37.77 11.02 16.67
CA PRO A 116 36.83 11.71 15.78
C PRO A 116 35.48 11.00 15.72
N VAL A 117 34.43 11.80 15.59
CA VAL A 117 33.05 11.31 15.65
C VAL A 117 32.43 11.44 14.26
N LEU A 118 31.75 10.38 13.84
CA LEU A 118 30.94 10.38 12.62
C LEU A 118 29.47 10.42 13.02
N VAL A 119 28.75 11.42 12.51
CA VAL A 119 27.33 11.59 12.81
C VAL A 119 26.55 11.35 11.53
N TRP A 120 25.68 10.34 11.55
CA TRP A 120 24.91 9.92 10.39
C TRP A 120 23.52 10.51 10.43
N ILE A 121 23.07 11.06 9.29
CA ILE A 121 21.71 11.57 9.14
C ILE A 121 21.09 10.81 7.96
N TYR A 122 20.07 10.00 8.24
CA TYR A 122 19.46 9.19 7.21
C TYR A 122 18.65 10.04 6.24
N GLY A 123 18.49 9.52 5.02
CA GLY A 123 17.63 10.12 4.03
C GLY A 123 16.25 9.49 4.00
N GLY A 124 15.52 9.80 2.92
CA GLY A 124 14.16 9.33 2.78
C GLY A 124 13.18 10.44 2.41
N GLY A 125 13.62 11.39 1.61
CA GLY A 125 12.75 12.43 1.09
C GLY A 125 12.09 13.30 2.14
N PHE A 126 12.65 13.35 3.34
CA PHE A 126 12.09 14.07 4.50
C PHE A 126 10.73 13.55 4.92
N TYR A 127 10.27 12.42 4.37
CA TYR A 127 9.00 11.82 4.77
C TYR A 127 9.16 10.44 5.39
N SER A 128 10.35 9.86 5.38
CA SER A 128 10.58 8.50 5.84
C SER A 128 12.00 8.36 6.35
N GLY A 129 12.35 7.16 6.77
CA GLY A 129 13.69 6.84 7.22
C GLY A 129 13.75 6.61 8.72
N ALA A 130 14.82 5.93 9.14
CA ALA A 130 15.03 5.62 10.54
C ALA A 130 16.49 5.27 10.74
N SER A 131 17.01 5.58 11.92
CA SER A 131 18.40 5.23 12.23
C SER A 131 18.56 3.77 12.61
N SER A 132 17.48 3.02 12.73
CA SER A 132 17.52 1.63 13.16
C SER A 132 17.63 0.65 12.00
N LEU A 133 17.62 1.12 10.76
CA LEU A 133 17.66 0.22 9.62
C LEU A 133 18.95 -0.57 9.60
N ASP A 134 18.86 -1.83 9.14
CA ASP A 134 20.01 -2.72 9.13
C ASP A 134 21.15 -2.16 8.29
N VAL A 135 20.83 -1.40 7.23
CA VAL A 135 21.86 -0.88 6.35
C VAL A 135 22.66 0.24 7.01
N TYR A 136 22.12 0.83 8.09
CA TYR A 136 22.82 1.88 8.83
C TYR A 136 23.51 1.36 10.09
N ASP A 137 23.76 0.06 10.17
CA ASP A 137 24.42 -0.53 11.33
C ASP A 137 25.87 -0.06 11.38
N GLY A 138 26.21 0.72 12.39
CA GLY A 138 27.54 1.30 12.48
C GLY A 138 28.57 0.46 13.19
N ARG A 139 28.30 -0.84 13.36
CA ARG A 139 29.22 -1.69 14.09
C ARG A 139 30.48 -2.01 13.28
N PHE A 140 30.38 -2.00 11.96
CA PHE A 140 31.54 -2.33 11.14
C PHE A 140 32.44 -1.14 10.92
N LEU A 141 31.86 0.05 10.76
CA LEU A 141 32.65 1.27 10.63
C LEU A 141 33.42 1.57 11.90
N VAL A 142 32.81 1.31 13.06
CA VAL A 142 33.47 1.60 14.33
C VAL A 142 34.58 0.60 14.61
N GLN A 143 34.34 -0.67 14.28
CA GLN A 143 35.36 -1.70 14.56
C GLN A 143 36.56 -1.54 13.64
N ALA A 144 36.33 -1.46 12.33
CA ALA A 144 37.42 -1.51 11.37
C ALA A 144 38.26 -0.23 11.39
N GLU A 145 37.67 0.90 11.76
CA GLU A 145 38.36 2.18 11.69
C GLU A 145 38.49 2.88 13.03
N ARG A 146 38.03 2.27 14.12
CA ARG A 146 38.30 2.75 15.48
C ARG A 146 37.78 4.17 15.69
N THR A 147 36.62 4.47 15.12
CA THR A 147 35.99 5.78 15.27
C THR A 147 34.72 5.64 16.11
N VAL A 148 34.17 6.79 16.49
CA VAL A 148 32.91 6.86 17.21
C VAL A 148 31.81 7.29 16.25
N LEU A 149 30.75 6.50 16.17
CA LEU A 149 29.65 6.76 15.25
C LEU A 149 28.39 7.08 16.03
N VAL A 150 27.68 8.12 15.60
CA VAL A 150 26.42 8.53 16.19
C VAL A 150 25.38 8.68 15.07
N SER A 151 24.15 8.25 15.34
CA SER A 151 23.03 8.46 14.43
C SER A 151 21.79 8.76 15.25
N MET A 152 20.96 9.69 14.75
CA MET A 152 19.77 10.10 15.47
C MET A 152 18.52 9.89 14.61
N ASN A 153 17.38 9.85 15.27
CA ASN A 153 16.08 9.92 14.62
C ASN A 153 15.58 11.36 14.65
N TYR A 154 14.95 11.77 13.55
CA TYR A 154 14.34 13.09 13.48
C TYR A 154 12.96 12.94 12.86
N ARG A 155 12.06 13.85 13.23
CA ARG A 155 10.68 13.78 12.75
C ARG A 155 10.62 14.04 11.25
N VAL A 156 9.86 13.21 10.53
CA VAL A 156 9.74 13.32 9.09
C VAL A 156 8.28 13.55 8.73
N GLY A 157 8.07 14.01 7.49
CA GLY A 157 6.72 14.24 7.03
C GLY A 157 6.08 15.44 7.70
N ALA A 158 4.76 15.34 7.89
CA ALA A 158 4.01 16.43 8.52
C ALA A 158 4.50 16.70 9.94
N PHE A 159 4.85 15.65 10.68
CA PHE A 159 5.28 15.82 12.07
C PHE A 159 6.59 16.60 12.17
N GLY A 160 7.42 16.56 11.14
CA GLY A 160 8.71 17.22 11.18
C GLY A 160 8.82 18.44 10.30
N PHE A 161 7.93 18.59 9.31
CA PHE A 161 8.12 19.66 8.33
C PHE A 161 6.83 20.33 7.87
N LEU A 162 5.68 20.01 8.46
CA LEU A 162 4.48 20.79 8.19
C LEU A 162 4.69 22.21 8.69
N ALA A 163 4.52 23.19 7.81
CA ALA A 163 4.82 24.58 8.13
C ALA A 163 3.65 25.46 7.76
N LEU A 164 3.13 26.21 8.74
CA LEU A 164 2.30 27.38 8.49
C LEU A 164 3.17 28.58 8.84
N PRO A 165 3.93 29.11 7.88
CA PRO A 165 4.96 30.11 8.21
C PRO A 165 4.37 31.34 8.87
N GLY A 166 5.09 31.86 9.86
CA GLY A 166 4.67 33.00 10.64
C GLY A 166 3.99 32.66 11.95
N SER A 167 3.53 31.43 12.10
CA SER A 167 2.81 31.02 13.31
C SER A 167 3.76 30.36 14.30
N ARG A 168 3.34 30.38 15.57
CA ARG A 168 4.08 29.71 16.63
C ARG A 168 3.70 28.24 16.77
N GLU A 169 2.45 27.89 16.41
CA GLU A 169 1.97 26.53 16.63
C GLU A 169 2.59 25.53 15.66
N ALA A 170 3.02 25.99 14.48
CA ALA A 170 3.62 25.11 13.48
C ALA A 170 4.59 25.92 12.64
N PRO A 171 5.81 26.16 13.14
CA PRO A 171 6.76 26.98 12.40
C PRO A 171 7.45 26.25 11.26
N GLY A 172 7.49 24.92 11.29
CA GLY A 172 8.20 24.16 10.29
C GLY A 172 9.67 23.96 10.66
N ASN A 173 10.33 23.07 9.91
CA ASN A 173 11.74 22.75 10.07
C ASN A 173 12.06 22.15 11.44
N VAL A 174 11.05 21.70 12.18
CA VAL A 174 11.32 21.13 13.49
C VAL A 174 12.10 19.82 13.36
N GLY A 175 11.95 19.13 12.23
CA GLY A 175 12.77 17.96 11.99
C GLY A 175 14.25 18.29 11.88
N LEU A 176 14.56 19.45 11.30
CA LEU A 176 15.95 19.92 11.28
C LEU A 176 16.41 20.32 12.67
N LEU A 177 15.51 20.88 13.48
CA LEU A 177 15.86 21.20 14.86
C LEU A 177 16.06 19.93 15.69
N ASP A 178 15.35 18.84 15.35
CA ASP A 178 15.63 17.56 16.00
C ASP A 178 17.07 17.13 15.75
N GLN A 179 17.54 17.30 14.51
CA GLN A 179 18.93 16.94 14.19
C GLN A 179 19.90 17.83 14.94
N ARG A 180 19.59 19.13 15.04
CA ARG A 180 20.49 20.05 15.71
C ARG A 180 20.60 19.73 17.20
N LEU A 181 19.46 19.47 17.85
CA LEU A 181 19.48 19.10 19.25
C LEU A 181 20.32 17.85 19.48
N ALA A 182 20.22 16.88 18.57
CA ALA A 182 21.08 15.71 18.64
C ALA A 182 22.55 16.08 18.47
N LEU A 183 22.84 17.14 17.70
CA LEU A 183 24.23 17.58 17.54
C LEU A 183 24.72 18.30 18.80
N GLN A 184 23.85 19.10 19.42
CA GLN A 184 24.20 19.68 20.72
C GLN A 184 24.40 18.60 21.76
N TRP A 185 23.64 17.49 21.67
CA TRP A 185 23.84 16.38 22.59
C TRP A 185 25.21 15.75 22.39
N VAL A 186 25.66 15.65 21.14
CA VAL A 186 26.98 15.06 20.86
C VAL A 186 28.09 15.94 21.43
N GLN A 187 27.93 17.26 21.33
CA GLN A 187 28.91 18.16 21.92
C GLN A 187 29.02 17.97 23.42
N GLU A 188 27.88 17.77 24.09
CA GLU A 188 27.86 17.71 25.55
C GLU A 188 28.10 16.31 26.11
N ASN A 189 28.05 15.27 25.29
CA ASN A 189 28.08 13.92 25.84
C ASN A 189 28.97 12.93 25.13
N VAL A 190 29.45 13.21 23.90
CA VAL A 190 30.17 12.18 23.17
C VAL A 190 31.52 11.88 23.80
N ALA A 191 32.03 12.76 24.67
CA ALA A 191 33.30 12.49 25.35
C ALA A 191 33.18 11.34 26.33
N ALA A 192 31.99 11.16 26.93
CA ALA A 192 31.78 10.03 27.84
C ALA A 192 31.92 8.69 27.14
N PHE A 193 31.87 8.66 25.81
CA PHE A 193 32.04 7.43 25.06
C PHE A 193 33.44 7.31 24.44
N GLY A 194 34.32 8.27 24.70
CA GLY A 194 35.64 8.29 24.10
C GLY A 194 35.74 9.11 22.84
N GLY A 195 34.73 9.90 22.51
CA GLY A 195 34.69 10.65 21.27
C GLY A 195 35.16 12.09 21.44
N ASP A 196 35.70 12.64 20.36
CA ASP A 196 36.24 14.00 20.37
C ASP A 196 35.20 14.96 19.83
N PRO A 197 34.59 15.81 20.67
CA PRO A 197 33.62 16.79 20.15
C PRO A 197 34.26 17.88 19.30
N THR A 198 35.59 17.98 19.25
CA THR A 198 36.26 18.95 18.40
C THR A 198 36.55 18.39 17.00
N SER A 199 36.15 17.15 16.72
CA SER A 199 36.36 16.51 15.42
C SER A 199 35.08 15.74 15.08
N VAL A 200 34.04 16.47 14.66
CA VAL A 200 32.74 15.89 14.34
C VAL A 200 32.49 16.07 12.84
N THR A 201 32.23 14.96 12.15
CA THR A 201 31.98 14.94 10.71
C THR A 201 30.56 14.46 10.46
N LEU A 202 29.69 15.35 10.00
CA LEU A 202 28.35 14.95 9.56
C LEU A 202 28.41 14.29 8.19
N PHE A 203 27.71 13.18 8.06
CA PHE A 203 27.53 12.56 6.76
C PHE A 203 26.12 12.00 6.66
N GLY A 204 25.53 12.13 5.47
CA GLY A 204 24.18 11.69 5.23
C GLY A 204 24.00 11.38 3.76
N GLU A 205 22.81 10.87 3.42
CA GLU A 205 22.48 10.50 2.06
C GLU A 205 21.07 10.98 1.76
N SER A 206 20.81 11.30 0.50
CA SER A 206 19.50 11.75 0.03
C SER A 206 19.08 12.98 0.84
N ALA A 207 17.93 12.97 1.52
CA ALA A 207 17.55 14.10 2.36
C ALA A 207 18.49 14.31 3.53
N GLY A 208 19.21 13.25 3.95
CA GLY A 208 20.21 13.43 4.98
C GLY A 208 21.40 14.24 4.49
N ALA A 209 21.77 14.05 3.23
CA ALA A 209 22.81 14.90 2.63
C ALA A 209 22.32 16.33 2.50
N ALA A 210 21.06 16.52 2.08
CA ALA A 210 20.49 17.86 2.04
C ALA A 210 20.44 18.47 3.43
N SER A 211 20.12 17.67 4.45
CA SER A 211 20.10 18.16 5.82
C SER A 211 21.48 18.63 6.26
N VAL A 212 22.53 17.90 5.87
CA VAL A 212 23.89 18.33 6.19
C VAL A 212 24.18 19.68 5.55
N GLY A 213 23.81 19.84 4.27
CA GLY A 213 24.04 21.10 3.60
C GLY A 213 23.31 22.26 4.26
N MET A 214 22.11 21.99 4.75
CA MET A 214 21.36 23.04 5.44
C MET A 214 21.98 23.40 6.79
N HIS A 215 22.64 22.44 7.44
CA HIS A 215 23.36 22.77 8.66
C HIS A 215 24.61 23.59 8.36
N LEU A 216 25.24 23.35 7.22
CA LEU A 216 26.36 24.19 6.80
C LEU A 216 25.91 25.63 6.57
N LEU A 217 24.67 25.84 6.14
CA LEU A 217 24.17 27.16 5.81
C LEU A 217 23.40 27.81 6.95
N SER A 218 23.26 27.13 8.09
CA SER A 218 22.58 27.71 9.24
C SER A 218 23.59 28.00 10.33
N PRO A 219 23.73 29.25 10.75
CA PRO A 219 24.78 29.61 11.73
C PRO A 219 24.66 28.84 13.05
N PRO A 220 23.46 28.72 13.64
CA PRO A 220 23.40 28.01 14.95
C PRO A 220 23.83 26.55 14.87
N SER A 221 23.93 25.97 13.69
CA SER A 221 24.38 24.59 13.56
C SER A 221 25.84 24.47 13.13
N ARG A 222 26.42 25.53 12.57
CA ARG A 222 27.78 25.44 12.05
C ARG A 222 28.80 25.18 13.16
N GLY A 223 28.53 25.66 14.37
CA GLY A 223 29.43 25.42 15.48
C GLY A 223 29.38 24.04 16.08
N LEU A 224 28.50 23.16 15.61
CA LEU A 224 28.32 21.84 16.18
C LEU A 224 29.08 20.74 15.44
N PHE A 225 29.76 21.08 14.35
CA PHE A 225 30.54 20.10 13.61
C PHE A 225 31.61 20.84 12.82
N HIS A 226 32.51 20.05 12.23
CA HIS A 226 33.69 20.62 11.55
C HIS A 226 33.90 20.11 10.14
N ARG A 227 33.25 19.02 9.74
CA ARG A 227 33.35 18.50 8.38
C ARG A 227 31.99 17.98 7.96
N ALA A 228 31.84 17.77 6.65
CA ALA A 228 30.56 17.40 6.08
C ALA A 228 30.76 16.47 4.90
N VAL A 229 29.92 15.46 4.81
CA VAL A 229 29.87 14.55 3.66
C VAL A 229 28.44 14.52 3.16
N LEU A 230 28.26 14.78 1.87
CA LEU A 230 26.95 14.81 1.22
C LEU A 230 26.92 13.74 0.14
N GLN A 231 26.15 12.68 0.38
CA GLN A 231 26.05 11.55 -0.53
C GLN A 231 24.71 11.63 -1.25
N SER A 232 24.76 11.83 -2.57
CA SER A 232 23.57 11.78 -3.42
C SER A 232 22.48 12.74 -2.93
N GLY A 233 22.88 13.94 -2.57
CA GLY A 233 21.90 14.92 -2.13
C GLY A 233 22.57 16.25 -1.87
N ALA A 234 21.74 17.30 -1.88
CA ALA A 234 22.22 18.66 -1.70
C ALA A 234 21.04 19.51 -1.24
N PRO A 235 21.30 20.58 -0.47
CA PRO A 235 20.17 21.41 -0.01
C PRO A 235 19.56 22.27 -1.10
N ASN A 236 20.24 22.45 -2.23
CA ASN A 236 19.76 23.34 -3.29
C ASN A 236 18.95 22.62 -4.36
N GLY A 237 18.70 21.32 -4.21
CA GLY A 237 17.89 20.59 -5.16
C GLY A 237 16.47 21.14 -5.29
N PRO A 238 15.80 20.80 -6.39
CA PRO A 238 14.42 21.26 -6.58
C PRO A 238 13.41 20.59 -5.66
N TRP A 239 13.83 19.57 -4.89
CA TRP A 239 12.94 18.85 -3.99
C TRP A 239 13.21 19.10 -2.52
N ALA A 240 14.40 19.61 -2.17
CA ALA A 240 14.81 19.70 -0.78
C ALA A 240 14.16 20.84 -0.01
N THR A 241 13.64 21.86 -0.71
CA THR A 241 13.04 23.02 -0.05
C THR A 241 11.69 23.33 -0.68
N VAL A 242 10.92 24.17 0.00
CA VAL A 242 9.61 24.60 -0.47
C VAL A 242 9.40 26.04 -0.02
N GLY A 243 8.58 26.78 -0.78
CA GLY A 243 8.30 28.16 -0.42
C GLY A 243 7.23 28.28 0.64
N MET A 244 7.19 29.46 1.27
CA MET A 244 6.22 29.72 2.32
C MET A 244 4.78 29.60 1.81
N GLY A 245 4.51 30.15 0.63
CA GLY A 245 3.16 30.08 0.10
C GLY A 245 2.72 28.65 -0.21
N GLU A 246 3.62 27.85 -0.77
CA GLU A 246 3.28 26.47 -1.08
C GLU A 246 3.20 25.62 0.17
N ALA A 247 4.07 25.88 1.15
CA ALA A 247 4.01 25.14 2.42
C ALA A 247 2.70 25.39 3.13
N ARG A 248 2.23 26.64 3.16
CA ARG A 248 0.94 26.94 3.76
C ARG A 248 -0.19 26.22 3.03
N ARG A 249 -0.10 26.11 1.71
CA ARG A 249 -1.16 25.45 0.96
C ARG A 249 -1.16 23.95 1.21
N ARG A 250 0.02 23.33 1.24
CA ARG A 250 0.11 21.90 1.50
C ARG A 250 -0.37 21.57 2.92
N ALA A 251 -0.01 22.40 3.90
CA ALA A 251 -0.50 22.19 5.26
C ALA A 251 -2.01 22.37 5.32
N THR A 252 -2.55 23.36 4.61
CA THR A 252 -3.99 23.60 4.63
C THR A 252 -4.74 22.48 3.94
N GLN A 253 -4.20 21.95 2.84
CA GLN A 253 -4.86 20.85 2.14
C GLN A 253 -4.87 19.59 2.99
N LEU A 254 -3.77 19.30 3.70
CA LEU A 254 -3.76 18.15 4.60
C LEU A 254 -4.82 18.29 5.69
N ALA A 255 -4.96 19.50 6.25
CA ALA A 255 -5.96 19.73 7.28
C ALA A 255 -7.36 19.49 6.74
N HIS A 256 -7.65 20.00 5.53
CA HIS A 256 -8.97 19.81 4.95
C HIS A 256 -9.28 18.34 4.73
N LEU A 257 -8.27 17.56 4.34
CA LEU A 257 -8.48 16.14 4.08
C LEU A 257 -8.75 15.35 5.33
N VAL A 258 -8.32 15.84 6.49
CA VAL A 258 -8.59 15.20 7.76
C VAL A 258 -9.69 15.92 8.55
N GLY A 259 -10.45 16.80 7.88
CA GLY A 259 -11.58 17.42 8.52
C GLY A 259 -11.26 18.66 9.33
N CYS A 260 -10.14 19.34 9.03
CA CYS A 260 -9.77 20.55 9.74
C CYS A 260 -9.81 21.73 8.77
N PRO A 261 -10.57 22.79 9.06
CA PRO A 261 -11.37 22.93 10.27
C PRO A 261 -12.72 22.26 10.16
N PRO A 262 -13.36 21.97 11.29
CA PRO A 262 -14.73 21.43 11.25
C PRO A 262 -15.67 22.45 10.63
N GLY A 263 -16.46 21.99 9.66
CA GLY A 263 -17.35 22.86 8.91
C GLY A 263 -18.34 23.62 9.77
N GLY A 264 -18.21 24.95 9.82
CA GLY A 264 -17.17 25.65 9.09
C GLY A 264 -16.40 26.62 9.95
N THR A 265 -16.50 26.45 11.27
CA THR A 265 -15.83 27.33 12.22
C THR A 265 -14.34 27.07 12.20
N GLY A 266 -13.57 28.02 11.69
CA GLY A 266 -12.13 27.90 11.63
C GLY A 266 -11.56 28.78 10.55
N GLY A 267 -10.24 28.95 10.63
CA GLY A 267 -9.54 29.78 9.66
C GLY A 267 -8.08 30.02 10.00
N ASN A 268 -7.83 30.74 11.08
CA ASN A 268 -6.47 31.11 11.44
C ASN A 268 -5.66 29.88 11.84
N ASP A 269 -4.35 30.08 11.98
CA ASP A 269 -3.42 28.97 12.16
C ASP A 269 -3.59 28.29 13.51
N THR A 270 -3.99 29.05 14.53
CA THR A 270 -4.16 28.46 15.86
C THR A 270 -5.26 27.41 15.87
N GLU A 271 -6.41 27.73 15.28
CA GLU A 271 -7.50 26.75 15.23
C GLU A 271 -7.15 25.57 14.34
N LEU A 272 -6.42 25.81 13.25
CA LEU A 272 -6.10 24.74 12.31
C LEU A 272 -5.12 23.74 12.91
N VAL A 273 -4.07 24.23 13.56
CA VAL A 273 -3.09 23.34 14.17
C VAL A 273 -3.70 22.61 15.37
N ALA A 274 -4.55 23.30 16.13
CA ALA A 274 -5.21 22.66 17.26
C ALA A 274 -6.08 21.49 16.81
N CYS A 275 -6.75 21.65 15.66
CA CYS A 275 -7.51 20.55 15.09
C CYS A 275 -6.58 19.44 14.59
N LEU A 276 -5.44 19.82 14.01
CA LEU A 276 -4.49 18.82 13.53
C LEU A 276 -3.92 18.00 14.68
N ARG A 277 -3.74 18.62 15.86
CA ARG A 277 -3.12 17.93 16.98
C ARG A 277 -4.06 16.91 17.62
N THR A 278 -5.37 16.99 17.35
CA THR A 278 -6.31 16.01 17.88
C THR A 278 -6.45 14.78 17.01
N ARG A 279 -5.96 14.83 15.77
CA ARG A 279 -6.09 13.71 14.85
C ARG A 279 -5.04 12.65 15.15
N PRO A 280 -5.38 11.38 15.01
CA PRO A 280 -4.36 10.33 15.18
C PRO A 280 -3.24 10.49 14.16
N ALA A 281 -2.03 10.11 14.58
CA ALA A 281 -0.85 10.31 13.73
C ALA A 281 -0.99 9.56 12.42
N GLN A 282 -1.53 8.35 12.45
CA GLN A 282 -1.66 7.57 11.22
C GLN A 282 -2.62 8.22 10.24
N VAL A 283 -3.66 8.90 10.75
CA VAL A 283 -4.60 9.58 9.87
C VAL A 283 -3.88 10.65 9.05
N LEU A 284 -2.96 11.38 9.68
CA LEU A 284 -2.19 12.38 8.95
C LEU A 284 -1.28 11.73 7.91
N VAL A 285 -0.71 10.57 8.26
CA VAL A 285 0.17 9.86 7.33
C VAL A 285 -0.60 9.42 6.09
N ASN A 286 -1.83 8.93 6.27
CA ASN A 286 -2.58 8.34 5.18
C ASN A 286 -2.99 9.34 4.11
N HIS A 287 -2.83 10.64 4.36
CA HIS A 287 -3.21 11.67 3.40
C HIS A 287 -2.01 12.49 2.93
N GLU A 288 -0.79 12.01 3.22
CA GLU A 288 0.41 12.80 2.96
C GLU A 288 0.60 13.05 1.47
N TRP A 289 0.43 12.03 0.64
CA TRP A 289 0.69 12.18 -0.79
C TRP A 289 -0.41 12.93 -1.52
N HIS A 290 -1.57 13.15 -0.89
CA HIS A 290 -2.66 13.84 -1.57
C HIS A 290 -2.34 15.31 -1.82
N VAL A 291 -1.48 15.91 -1.00
CA VAL A 291 -1.27 17.35 -1.05
C VAL A 291 -0.24 17.78 -2.10
N LEU A 292 0.31 16.85 -2.86
CA LEU A 292 1.22 17.23 -3.93
C LEU A 292 0.45 17.88 -5.07
N PRO A 293 1.01 18.91 -5.71
CA PRO A 293 0.21 19.66 -6.70
C PRO A 293 -0.04 18.89 -8.00
N GLN A 294 0.86 18.00 -8.40
CA GLN A 294 0.66 17.20 -9.61
C GLN A 294 1.41 15.90 -9.48
N GLU A 295 1.15 14.98 -10.40
CA GLU A 295 1.84 13.71 -10.41
C GLU A 295 3.31 13.93 -10.78
N SER A 296 4.20 13.19 -10.14
CA SER A 296 5.63 13.44 -10.27
C SER A 296 6.38 12.30 -9.58
N VAL A 297 7.70 12.35 -9.74
CA VAL A 297 8.64 11.53 -8.99
C VAL A 297 9.70 12.45 -8.42
N PHE A 298 10.32 12.02 -7.32
CA PHE A 298 11.33 12.80 -6.62
C PHE A 298 10.78 14.12 -6.11
N ARG A 299 9.50 14.15 -5.72
CA ARG A 299 8.88 15.29 -5.09
C ARG A 299 8.17 14.84 -3.81
N PHE A 300 8.31 15.64 -2.75
CA PHE A 300 7.87 15.25 -1.43
C PHE A 300 7.06 16.38 -0.79
N SER A 301 6.05 15.99 -0.01
CA SER A 301 5.02 16.94 0.42
C SER A 301 5.56 17.92 1.46
N PHE A 302 6.22 17.41 2.49
CA PHE A 302 6.65 18.22 3.63
C PHE A 302 8.16 18.18 3.72
N VAL A 303 8.80 19.29 3.33
CA VAL A 303 10.25 19.39 3.26
C VAL A 303 10.65 20.68 3.98
N PRO A 304 11.93 20.92 4.25
CA PRO A 304 12.34 22.18 4.85
C PRO A 304 11.80 23.38 4.09
N VAL A 305 11.38 24.40 4.84
CA VAL A 305 10.75 25.59 4.27
C VAL A 305 11.70 26.77 4.43
N VAL A 306 11.77 27.61 3.39
CA VAL A 306 12.57 28.82 3.42
C VAL A 306 11.69 29.93 3.99
N ASP A 307 11.91 30.27 5.25
CA ASP A 307 11.08 31.26 5.94
C ASP A 307 11.88 32.34 6.65
N GLY A 308 13.21 32.30 6.60
CA GLY A 308 14.05 33.30 7.22
C GLY A 308 14.62 32.90 8.57
N ASP A 309 14.04 31.90 9.23
CA ASP A 309 14.52 31.48 10.54
C ASP A 309 15.70 30.53 10.41
N PHE A 310 15.42 29.23 10.22
CA PHE A 310 16.50 28.26 10.06
C PHE A 310 17.33 28.56 8.83
N LEU A 311 16.69 28.96 7.74
CA LEU A 311 17.35 29.37 6.50
C LEU A 311 16.95 30.82 6.23
N SER A 312 17.90 31.75 6.41
CA SER A 312 17.63 33.17 6.18
C SER A 312 17.42 33.50 4.71
N ASP A 313 17.71 32.57 3.80
CA ASP A 313 17.49 32.75 2.38
C ASP A 313 17.49 31.37 1.74
N THR A 314 17.23 31.32 0.44
CA THR A 314 17.25 30.05 -0.27
C THR A 314 18.64 29.43 -0.18
N PRO A 315 18.72 28.09 -0.19
CA PRO A 315 20.04 27.45 -0.19
C PRO A 315 20.95 27.94 -1.31
N GLU A 316 20.41 28.20 -2.49
CA GLU A 316 21.22 28.73 -3.58
C GLU A 316 21.81 30.09 -3.22
N ALA A 317 20.99 30.97 -2.64
CA ALA A 317 21.48 32.29 -2.25
C ALA A 317 22.58 32.19 -1.19
N LEU A 318 22.38 31.33 -0.18
CA LEU A 318 23.37 31.19 0.87
C LEU A 318 24.64 30.51 0.36
N ILE A 319 24.50 29.57 -0.58
CA ILE A 319 25.68 28.92 -1.15
C ILE A 319 26.49 29.92 -1.98
N ASN A 320 25.81 30.78 -2.74
CA ASN A 320 26.51 31.75 -3.57
C ASN A 320 27.20 32.82 -2.72
N ALA A 321 26.59 33.22 -1.60
CA ALA A 321 27.12 34.26 -0.75
C ALA A 321 27.91 33.72 0.44
N GLY A 322 28.26 32.44 0.42
CA GLY A 322 28.89 31.83 1.57
C GLY A 322 30.41 31.95 1.56
N ASP A 323 30.98 31.95 2.78
CA ASP A 323 32.42 31.94 2.99
C ASP A 323 32.76 30.62 3.65
N PHE A 324 33.40 29.72 2.89
CA PHE A 324 33.64 28.35 3.34
C PHE A 324 35.13 28.06 3.55
N HIS A 325 35.93 29.09 3.83
CA HIS A 325 37.35 28.86 4.09
C HIS A 325 37.54 28.06 5.37
N GLY A 326 38.43 27.07 5.30
CA GLY A 326 38.71 26.21 6.43
C GLY A 326 37.81 24.99 6.54
N LEU A 327 36.90 24.79 5.59
CA LEU A 327 35.98 23.65 5.62
C LEU A 327 36.43 22.60 4.62
N GLN A 328 36.25 21.34 4.98
CA GLN A 328 36.51 20.21 4.09
C GLN A 328 35.22 19.45 3.87
N VAL A 329 34.87 19.24 2.61
CA VAL A 329 33.61 18.58 2.24
C VAL A 329 33.92 17.42 1.32
N LEU A 330 33.17 16.33 1.49
CA LEU A 330 33.21 15.16 0.62
C LEU A 330 31.83 14.99 0.03
N VAL A 331 31.71 15.14 -1.29
CA VAL A 331 30.44 15.00 -1.99
C VAL A 331 30.57 13.90 -3.03
N GLY A 332 29.42 13.40 -3.48
CA GLY A 332 29.43 12.35 -4.50
C GLY A 332 28.02 11.91 -4.83
N VAL A 333 27.95 11.06 -5.86
CA VAL A 333 26.70 10.53 -6.38
C VAL A 333 26.94 9.08 -6.78
N VAL A 334 25.84 8.38 -7.07
CA VAL A 334 25.91 7.03 -7.61
C VAL A 334 25.76 7.11 -9.12
N LYS A 335 26.04 5.99 -9.80
CA LYS A 335 26.05 5.97 -11.26
C LYS A 335 24.66 6.20 -11.86
N ASP A 336 23.60 5.78 -11.16
CA ASP A 336 22.23 5.82 -11.71
C ASP A 336 21.27 6.39 -10.66
N GLU A 337 21.30 7.72 -10.50
CA GLU A 337 20.53 8.36 -9.43
C GLU A 337 19.03 8.27 -9.67
N GLY A 338 18.59 8.46 -10.91
CA GLY A 338 17.18 8.56 -11.21
C GLY A 338 16.50 7.29 -11.64
N SER A 339 17.19 6.16 -11.65
CA SER A 339 16.66 4.96 -12.29
C SER A 339 15.45 4.39 -11.54
N TYR A 340 15.57 4.20 -10.22
CA TYR A 340 14.50 3.52 -9.49
C TYR A 340 13.24 4.39 -9.41
N PHE A 341 13.39 5.72 -9.42
CA PHE A 341 12.22 6.59 -9.33
C PHE A 341 11.27 6.41 -10.50
N LEU A 342 11.75 5.89 -11.63
CA LEU A 342 10.94 5.83 -12.83
C LEU A 342 9.76 4.86 -12.68
N VAL A 343 9.90 3.82 -11.85
CA VAL A 343 8.83 2.85 -11.68
C VAL A 343 7.83 3.36 -10.66
N TYR A 344 8.00 4.60 -10.20
CA TYR A 344 7.10 5.22 -9.25
C TYR A 344 6.25 6.31 -9.88
N GLY A 345 6.06 6.28 -11.20
CA GLY A 345 5.24 7.31 -11.83
C GLY A 345 5.43 7.51 -13.31
N ALA A 346 6.59 7.13 -13.84
CA ALA A 346 6.83 7.31 -15.26
C ALA A 346 6.08 6.23 -16.06
N PRO A 347 5.37 6.59 -17.12
CA PRO A 347 4.60 5.59 -17.87
C PRO A 347 5.50 4.63 -18.62
N GLY A 348 5.04 3.39 -18.73
CA GLY A 348 5.79 2.34 -19.39
C GLY A 348 6.86 1.68 -18.56
N PHE A 349 7.01 2.07 -17.29
CA PHE A 349 8.09 1.57 -16.45
C PHE A 349 7.57 0.54 -15.46
N SER A 350 8.32 -0.55 -15.31
CA SER A 350 8.01 -1.60 -14.37
C SER A 350 9.32 -2.26 -13.94
N LYS A 351 9.45 -2.54 -12.63
CA LYS A 351 10.68 -3.17 -12.17
C LYS A 351 10.77 -4.64 -12.57
N ASP A 352 9.68 -5.21 -13.07
CA ASP A 352 9.62 -6.63 -13.41
C ASP A 352 9.69 -6.88 -14.91
N ASN A 353 10.01 -5.86 -15.71
CA ASN A 353 10.36 -6.05 -17.12
C ASN A 353 11.54 -5.15 -17.44
N GLU A 354 11.85 -5.01 -18.73
CA GLU A 354 13.00 -4.23 -19.16
C GLU A 354 12.71 -2.76 -19.33
N SER A 355 11.44 -2.35 -19.23
CA SER A 355 11.04 -0.94 -19.32
C SER A 355 11.56 -0.30 -20.60
N LEU A 356 11.44 -1.02 -21.72
CA LEU A 356 11.82 -0.50 -23.03
C LEU A 356 10.69 0.41 -23.52
N ILE A 357 10.74 1.66 -23.05
CA ILE A 357 9.65 2.60 -23.29
C ILE A 357 9.69 3.10 -24.72
N SER A 358 8.52 3.51 -25.21
CA SER A 358 8.41 4.11 -26.53
C SER A 358 8.76 5.60 -26.47
N ARG A 359 8.83 6.21 -27.65
CA ARG A 359 9.11 7.63 -27.72
C ARG A 359 8.01 8.45 -27.06
N ALA A 360 6.75 8.06 -27.28
CA ALA A 360 5.64 8.77 -26.67
C ALA A 360 5.70 8.69 -25.16
N GLU A 361 6.05 7.51 -24.62
CA GLU A 361 6.16 7.36 -23.18
C GLU A 361 7.31 8.18 -22.62
N PHE A 362 8.42 8.25 -23.36
CA PHE A 362 9.55 9.09 -22.93
C PHE A 362 9.15 10.55 -22.85
N LEU A 363 8.42 11.04 -23.85
CA LEU A 363 8.01 12.44 -23.85
C LEU A 363 7.05 12.75 -22.70
N ALA A 364 6.12 11.84 -22.43
CA ALA A 364 5.24 12.04 -21.28
C ALA A 364 5.99 11.89 -19.97
N GLY A 365 7.00 11.01 -19.92
CA GLY A 365 7.75 10.83 -18.70
C GLY A 365 8.59 12.03 -18.31
N VAL A 366 8.99 12.84 -19.30
CA VAL A 366 9.75 14.05 -19.01
C VAL A 366 8.89 15.02 -18.19
N ARG A 367 7.59 15.07 -18.46
CA ARG A 367 6.71 15.95 -17.69
C ARG A 367 6.47 15.44 -16.28
N VAL A 368 6.68 14.14 -16.05
CA VAL A 368 6.60 13.56 -14.71
C VAL A 368 7.90 13.74 -13.95
N GLY A 369 9.05 13.55 -14.60
CA GLY A 369 10.32 13.74 -13.92
C GLY A 369 10.71 15.18 -13.76
N VAL A 370 10.17 16.06 -14.60
CA VAL A 370 10.41 17.49 -14.47
C VAL A 370 9.06 18.21 -14.39
N PRO A 371 8.40 18.19 -13.23
CA PRO A 371 7.05 18.75 -13.15
C PRO A 371 7.06 20.28 -13.02
N GLN A 372 5.92 20.86 -13.40
CA GLN A 372 5.60 22.28 -13.26
C GLN A 372 6.46 23.19 -14.14
N VAL A 373 7.21 22.65 -15.09
CA VAL A 373 7.93 23.47 -16.03
C VAL A 373 7.08 23.68 -17.27
N SER A 374 7.38 24.73 -18.02
CA SER A 374 6.60 25.07 -19.20
C SER A 374 6.82 24.04 -20.30
N ASP A 375 5.94 24.09 -21.31
CA ASP A 375 6.09 23.22 -22.47
C ASP A 375 7.38 23.52 -23.23
N LEU A 376 7.78 24.78 -23.29
CA LEU A 376 9.03 25.13 -23.95
C LEU A 376 10.23 24.58 -23.20
N ALA A 377 10.20 24.65 -21.87
CA ALA A 377 11.29 24.08 -21.07
C ALA A 377 11.39 22.58 -21.28
N ALA A 378 10.24 21.89 -21.33
CA ALA A 378 10.25 20.45 -21.59
C ALA A 378 10.87 20.14 -22.94
N GLU A 379 10.61 20.97 -23.95
CA GLU A 379 11.25 20.78 -25.25
C GLU A 379 12.76 20.91 -25.14
N ALA A 380 13.24 21.86 -24.33
CA ALA A 380 14.68 22.00 -24.13
C ALA A 380 15.26 20.76 -23.47
N VAL A 381 14.52 20.18 -22.51
CA VAL A 381 14.98 18.94 -21.89
C VAL A 381 15.07 17.83 -22.94
N VAL A 382 14.02 17.67 -23.75
CA VAL A 382 14.00 16.64 -24.78
C VAL A 382 15.13 16.86 -25.78
N LEU A 383 15.45 18.13 -26.07
CA LEU A 383 16.56 18.41 -26.99
C LEU A 383 17.87 17.85 -26.47
N HIS A 384 18.17 18.10 -25.19
CA HIS A 384 19.47 17.72 -24.64
C HIS A 384 19.59 16.21 -24.49
N TYR A 385 18.51 15.55 -24.07
CA TYR A 385 18.57 14.14 -23.69
C TYR A 385 18.12 13.19 -24.78
N THR A 386 17.71 13.69 -25.94
CA THR A 386 17.42 12.83 -27.08
C THR A 386 18.71 12.61 -27.86
N ASP A 387 19.06 11.35 -28.07
CA ASP A 387 20.12 11.00 -29.01
C ASP A 387 19.49 11.07 -30.40
N TRP A 388 19.74 12.16 -31.11
CA TRP A 388 19.04 12.38 -32.37
C TRP A 388 19.51 11.46 -33.49
N LEU A 389 20.52 10.63 -33.23
CA LEU A 389 20.85 9.58 -34.18
C LEU A 389 20.00 8.34 -33.95
N HIS A 390 19.49 8.16 -32.73
CA HIS A 390 18.57 7.07 -32.39
C HIS A 390 17.46 7.64 -31.52
N PRO A 391 16.63 8.53 -32.07
CA PRO A 391 15.66 9.24 -31.22
C PRO A 391 14.52 8.37 -30.71
N GLU A 392 14.41 7.12 -31.18
CA GLU A 392 13.31 6.27 -30.76
C GLU A 392 13.79 4.90 -30.26
N ASP A 393 15.07 4.77 -29.96
CA ASP A 393 15.60 3.54 -29.41
C ASP A 393 15.12 3.39 -27.97
N PRO A 394 14.35 2.34 -27.64
CA PRO A 394 13.77 2.26 -26.28
C PRO A 394 14.81 2.20 -25.17
N ALA A 395 15.91 1.48 -25.38
CA ALA A 395 16.93 1.39 -24.34
C ALA A 395 17.57 2.75 -24.07
N ARG A 396 17.87 3.51 -25.13
CA ARG A 396 18.46 4.82 -24.94
C ARG A 396 17.48 5.78 -24.28
N LEU A 397 16.21 5.72 -24.67
CA LEU A 397 15.20 6.57 -24.04
C LEU A 397 15.04 6.22 -22.57
N ARG A 398 15.18 4.94 -22.21
CA ARG A 398 15.12 4.54 -20.81
C ARG A 398 16.26 5.17 -20.02
N GLU A 399 17.49 5.01 -20.50
CA GLU A 399 18.64 5.62 -19.82
C GLU A 399 18.56 7.14 -19.85
N ALA A 400 17.94 7.71 -20.88
CA ALA A 400 17.85 9.16 -20.97
C ALA A 400 16.94 9.72 -19.87
N LEU A 401 15.77 9.09 -19.68
CA LEU A 401 14.85 9.57 -18.66
C LEU A 401 15.42 9.37 -17.26
N SER A 402 16.16 8.28 -17.05
CA SER A 402 16.86 8.11 -15.78
C SER A 402 17.87 9.23 -15.56
N ASP A 403 18.60 9.61 -16.62
CA ASP A 403 19.53 10.73 -16.51
C ASP A 403 18.79 12.04 -16.25
N VAL A 404 17.62 12.22 -16.88
CA VAL A 404 16.84 13.44 -16.64
C VAL A 404 16.50 13.58 -15.16
N VAL A 405 15.95 12.52 -14.58
CA VAL A 405 15.57 12.57 -13.17
C VAL A 405 16.81 12.69 -12.28
N GLY A 406 17.89 11.99 -12.63
CA GLY A 406 19.07 12.01 -11.79
C GLY A 406 19.82 13.33 -11.85
N ASP A 407 20.01 13.87 -13.06
CA ASP A 407 20.74 15.13 -13.21
C ASP A 407 19.97 16.28 -12.58
N HIS A 408 18.68 16.38 -12.92
CA HIS A 408 17.85 17.47 -12.42
C HIS A 408 17.77 17.48 -10.89
N ASN A 409 17.74 16.31 -10.27
CA ASN A 409 17.49 16.21 -8.84
C ASN A 409 18.75 16.02 -8.00
N VAL A 410 19.76 15.33 -8.50
CA VAL A 410 20.91 14.98 -7.67
C VAL A 410 22.22 15.52 -8.24
N VAL A 411 22.60 15.03 -9.42
CA VAL A 411 23.97 15.24 -9.91
C VAL A 411 24.28 16.72 -10.09
N CYS A 412 23.35 17.45 -10.68
CA CYS A 412 23.62 18.86 -10.98
C CYS A 412 23.45 19.77 -9.76
N PRO A 413 22.48 19.51 -8.87
CA PRO A 413 22.51 20.23 -7.58
C PRO A 413 23.78 19.96 -6.79
N VAL A 414 24.29 18.73 -6.83
CA VAL A 414 25.55 18.43 -6.15
C VAL A 414 26.71 19.12 -6.84
N ALA A 415 26.74 19.08 -8.18
CA ALA A 415 27.84 19.68 -8.91
C ALA A 415 27.90 21.19 -8.70
N GLN A 416 26.74 21.84 -8.63
CA GLN A 416 26.72 23.28 -8.38
C GLN A 416 27.23 23.58 -6.98
N LEU A 417 26.84 22.76 -6.00
CA LEU A 417 27.31 22.96 -4.62
C LEU A 417 28.82 22.75 -4.52
N ALA A 418 29.32 21.65 -5.09
CA ALA A 418 30.74 21.33 -4.99
C ALA A 418 31.60 22.44 -5.59
N GLY A 419 31.26 22.88 -6.81
CA GLY A 419 32.06 23.91 -7.46
C GLY A 419 32.03 25.22 -6.71
N ARG A 420 30.87 25.59 -6.15
CA ARG A 420 30.77 26.83 -5.39
C ARG A 420 31.57 26.74 -4.09
N LEU A 421 31.54 25.59 -3.42
CA LEU A 421 32.28 25.43 -2.17
C LEU A 421 33.78 25.53 -2.42
N ALA A 422 34.27 24.82 -3.43
CA ALA A 422 35.70 24.82 -3.73
C ALA A 422 36.19 26.19 -4.17
N ALA A 423 35.35 26.95 -4.88
CA ALA A 423 35.75 28.26 -5.36
C ALA A 423 35.63 29.35 -4.30
N GLN A 424 35.02 29.06 -3.16
CA GLN A 424 34.83 30.06 -2.11
C GLN A 424 35.48 29.65 -0.80
N GLY A 425 36.50 28.79 -0.84
CA GLY A 425 37.31 28.55 0.33
C GLY A 425 37.47 27.10 0.73
N ALA A 426 36.41 26.31 0.57
CA ALA A 426 36.41 24.95 1.09
C ALA A 426 37.25 24.02 0.21
N ARG A 427 37.78 22.98 0.84
CA ARG A 427 38.46 21.89 0.14
C ARG A 427 37.46 20.76 -0.07
N VAL A 428 37.26 20.37 -1.33
CA VAL A 428 36.18 19.47 -1.72
C VAL A 428 36.76 18.22 -2.37
N TYR A 429 36.21 17.06 -2.02
CA TYR A 429 36.53 15.80 -2.68
C TYR A 429 35.26 15.20 -3.25
N ALA A 430 35.31 14.79 -4.52
CA ALA A 430 34.14 14.29 -5.23
C ALA A 430 34.38 12.86 -5.70
N TYR A 431 33.29 12.09 -5.77
CA TYR A 431 33.36 10.70 -6.19
C TYR A 431 32.12 10.35 -7.00
N VAL A 432 32.21 9.25 -7.73
CA VAL A 432 31.06 8.62 -8.37
C VAL A 432 31.12 7.13 -8.05
N PHE A 433 30.09 6.63 -7.38
CA PHE A 433 30.04 5.23 -6.96
C PHE A 433 29.48 4.39 -8.10
N GLU A 434 30.30 3.49 -8.64
CA GLU A 434 29.95 2.75 -9.86
C GLU A 434 29.83 1.25 -9.67
N HIS A 435 29.94 0.74 -8.45
CA HIS A 435 29.84 -0.69 -8.23
C HIS A 435 28.40 -1.06 -7.89
N ARG A 436 27.80 -1.93 -8.69
CA ARG A 436 26.48 -2.47 -8.41
C ARG A 436 26.65 -3.70 -7.52
N ALA A 437 26.01 -3.68 -6.35
CA ALA A 437 26.13 -4.79 -5.41
C ALA A 437 25.66 -6.09 -6.05
N SER A 438 26.40 -7.16 -5.76
CA SER A 438 26.04 -8.48 -6.29
C SER A 438 24.73 -9.00 -5.72
N THR A 439 24.33 -8.51 -4.54
CA THR A 439 23.10 -8.94 -3.89
C THR A 439 21.93 -8.00 -4.19
N LEU A 440 22.07 -7.13 -5.18
CA LEU A 440 21.04 -6.15 -5.47
C LEU A 440 19.82 -6.82 -6.09
N SER A 441 18.65 -6.54 -5.52
CA SER A 441 17.41 -7.19 -5.94
C SER A 441 16.67 -6.40 -7.02
N TRP A 442 17.00 -5.13 -7.23
CA TRP A 442 16.39 -4.35 -8.29
C TRP A 442 16.83 -4.86 -9.66
N PRO A 443 16.08 -4.59 -10.72
CA PRO A 443 16.45 -5.08 -12.05
C PRO A 443 17.79 -4.53 -12.52
N LEU A 444 18.42 -5.28 -13.42
CA LEU A 444 19.76 -4.94 -13.89
C LEU A 444 19.78 -3.58 -14.58
N TRP A 445 18.72 -3.23 -15.31
CA TRP A 445 18.76 -2.00 -16.08
C TRP A 445 18.83 -0.76 -15.21
N MET A 446 18.49 -0.87 -13.92
CA MET A 446 18.62 0.28 -13.03
C MET A 446 20.07 0.57 -12.64
N GLY A 447 21.02 -0.31 -12.97
CA GLY A 447 22.40 -0.12 -12.61
C GLY A 447 22.69 0.02 -11.13
N VAL A 448 23.22 1.19 -10.76
CA VAL A 448 23.53 1.49 -9.36
C VAL A 448 22.52 2.49 -8.85
N PRO A 449 21.41 2.07 -8.26
CA PRO A 449 20.31 2.98 -7.96
C PRO A 449 20.62 3.87 -6.77
N HIS A 450 19.75 4.86 -6.59
CA HIS A 450 19.86 5.83 -5.52
C HIS A 450 19.84 5.14 -4.16
N GLY A 451 20.93 5.29 -3.39
CA GLY A 451 20.99 4.78 -2.04
C GLY A 451 21.81 3.52 -1.85
N TYR A 452 22.31 2.91 -2.93
CA TYR A 452 22.94 1.60 -2.83
C TYR A 452 24.47 1.70 -2.80
N GLU A 453 25.01 2.83 -2.37
CA GLU A 453 26.39 2.90 -1.90
C GLU A 453 26.47 2.86 -0.39
N ILE A 454 25.34 3.02 0.31
CA ILE A 454 25.35 3.13 1.77
C ILE A 454 25.85 1.84 2.39
N GLU A 455 25.37 0.69 1.90
CA GLU A 455 25.73 -0.59 2.50
C GLU A 455 27.24 -0.85 2.43
N PHE A 456 27.93 -0.30 1.43
CA PHE A 456 29.37 -0.46 1.37
C PHE A 456 30.09 0.54 2.26
N ILE A 457 29.51 1.73 2.46
CA ILE A 457 30.11 2.72 3.36
C ILE A 457 30.06 2.23 4.80
N PHE A 458 28.99 1.53 5.19
CA PHE A 458 28.84 1.04 6.54
C PHE A 458 29.43 -0.35 6.74
N GLY A 459 30.17 -0.88 5.76
CA GLY A 459 30.81 -2.16 5.91
C GLY A 459 29.87 -3.34 6.03
N ILE A 460 28.63 -3.22 5.52
CA ILE A 460 27.68 -4.33 5.59
C ILE A 460 28.21 -5.61 4.97
N PRO A 461 28.97 -5.59 3.86
CA PRO A 461 29.50 -6.85 3.32
C PRO A 461 30.31 -7.67 4.31
N LEU A 462 30.79 -7.08 5.40
CA LEU A 462 31.50 -7.84 6.42
C LEU A 462 30.58 -8.72 7.26
N ASP A 463 29.28 -8.50 7.21
CA ASP A 463 28.33 -9.31 7.95
C ASP A 463 28.40 -10.76 7.46
N PRO A 464 28.77 -11.72 8.33
CA PRO A 464 28.94 -13.10 7.87
C PRO A 464 27.65 -13.76 7.39
N SER A 465 26.49 -13.22 7.77
CA SER A 465 25.22 -13.81 7.34
C SER A 465 24.82 -13.38 5.93
N ARG A 466 25.51 -12.42 5.33
CA ARG A 466 25.21 -11.98 3.98
C ARG A 466 25.99 -12.81 2.96
N ASN A 467 25.66 -12.61 1.68
CA ASN A 467 26.25 -13.36 0.58
C ASN A 467 27.03 -12.43 -0.35
N TYR A 468 27.75 -11.47 0.21
CA TYR A 468 28.63 -10.64 -0.59
C TYR A 468 29.87 -11.43 -1.00
N THR A 469 30.52 -10.96 -2.07
CA THR A 469 31.74 -11.60 -2.55
C THR A 469 32.93 -11.16 -1.72
N ALA A 470 34.04 -11.89 -1.87
CA ALA A 470 35.27 -11.52 -1.19
C ALA A 470 35.81 -10.19 -1.68
N GLU A 471 35.66 -9.90 -2.98
CA GLU A 471 36.11 -8.62 -3.52
C GLU A 471 35.30 -7.46 -2.96
N GLU A 472 34.01 -7.67 -2.70
CA GLU A 472 33.18 -6.59 -2.17
C GLU A 472 33.51 -6.28 -0.72
N LYS A 473 33.95 -7.28 0.05
CA LYS A 473 34.39 -7.02 1.41
C LYS A 473 35.66 -6.15 1.42
N ILE A 474 36.61 -6.48 0.55
CA ILE A 474 37.81 -5.64 0.41
C ILE A 474 37.43 -4.24 -0.05
N PHE A 475 36.48 -4.16 -0.99
CA PHE A 475 36.04 -2.85 -1.49
C PHE A 475 35.38 -2.04 -0.39
N ALA A 476 34.62 -2.69 0.50
CA ALA A 476 33.99 -1.97 1.60
C ALA A 476 35.02 -1.46 2.60
N GLN A 477 36.04 -2.27 2.91
CA GLN A 477 37.07 -1.83 3.82
C GLN A 477 37.80 -0.60 3.28
N ARG A 478 38.06 -0.58 1.96
CA ARG A 478 38.69 0.58 1.35
C ARG A 478 37.81 1.81 1.44
N LEU A 479 36.48 1.64 1.34
CA LEU A 479 35.58 2.78 1.47
C LEU A 479 35.52 3.30 2.89
N MET A 480 35.45 2.40 3.88
CA MET A 480 35.46 2.84 5.27
C MET A 480 36.75 3.58 5.60
N ARG A 481 37.88 3.13 5.02
CA ARG A 481 39.14 3.84 5.20
C ARG A 481 39.07 5.24 4.61
N TYR A 482 38.46 5.39 3.43
CA TYR A 482 38.28 6.71 2.84
C TYR A 482 37.48 7.62 3.76
N TRP A 483 36.31 7.14 4.22
CA TRP A 483 35.45 7.97 5.06
C TRP A 483 36.10 8.27 6.40
N ALA A 484 36.81 7.29 6.98
CA ALA A 484 37.45 7.52 8.27
C ALA A 484 38.63 8.48 8.15
N ASN A 485 39.44 8.33 7.10
CA ASN A 485 40.54 9.27 6.88
C ASN A 485 40.02 10.69 6.74
N PHE A 486 38.90 10.87 6.03
CA PHE A 486 38.32 12.20 5.90
C PHE A 486 37.79 12.71 7.23
N ALA A 487 37.21 11.83 8.04
CA ALA A 487 36.77 12.24 9.37
C ALA A 487 37.94 12.61 10.26
N ARG A 488 39.05 11.86 10.15
CA ARG A 488 40.20 12.11 11.01
C ARG A 488 40.93 13.39 10.59
N THR A 489 41.26 13.52 9.31
CA THR A 489 42.15 14.57 8.85
C THR A 489 41.54 15.54 7.84
N GLY A 490 40.34 15.26 7.32
CA GLY A 490 39.79 16.10 6.28
C GLY A 490 40.26 15.77 4.88
N ASP A 491 40.90 14.62 4.70
CA ASP A 491 41.48 14.20 3.43
C ASP A 491 41.28 12.70 3.29
N PRO A 492 40.54 12.25 2.27
CA PRO A 492 40.29 10.80 2.14
C PRO A 492 41.54 10.00 1.85
N ASN A 493 42.58 10.62 1.29
CA ASN A 493 43.81 9.92 0.98
C ASN A 493 44.49 9.44 2.24
N GLU A 494 45.17 8.30 2.14
CA GLU A 494 45.94 7.79 3.26
C GLU A 494 47.03 8.81 3.61
N PRO A 495 47.23 9.11 4.90
CA PRO A 495 48.12 10.23 5.26
C PRO A 495 49.51 10.12 4.68
N ARG A 496 50.12 8.93 4.72
CA ARG A 496 51.48 8.73 4.24
C ARG A 496 51.57 7.42 3.45
N ASP A 497 50.85 7.35 2.34
CA ASP A 497 50.87 6.19 1.45
C ASP A 497 50.96 6.69 0.02
N PRO A 498 52.14 6.65 -0.59
CA PRO A 498 52.29 7.15 -1.97
C PRO A 498 52.01 6.10 -3.03
N LYS A 499 52.13 4.82 -2.67
CA LYS A 499 51.99 3.76 -3.67
C LYS A 499 50.56 3.66 -4.18
N ALA A 500 49.58 3.73 -3.28
CA ALA A 500 48.20 3.65 -3.69
C ALA A 500 47.81 4.85 -4.55
N PRO A 501 46.91 4.67 -5.52
CA PRO A 501 46.50 5.81 -6.35
C PRO A 501 45.87 6.90 -5.50
N GLN A 502 46.09 8.14 -5.90
CA GLN A 502 45.72 9.29 -5.10
C GLN A 502 44.38 9.87 -5.54
N TRP A 503 43.74 10.57 -4.61
CA TRP A 503 42.42 11.17 -4.81
C TRP A 503 42.56 12.69 -4.80
N PRO A 504 42.52 13.35 -5.96
CA PRO A 504 42.76 14.79 -6.01
C PRO A 504 41.51 15.56 -5.59
N PRO A 505 41.68 16.75 -5.03
CA PRO A 505 40.52 17.56 -4.64
C PRO A 505 39.73 18.02 -5.86
N TYR A 506 38.50 18.44 -5.60
CA TYR A 506 37.59 18.92 -6.63
C TYR A 506 37.70 20.44 -6.72
N THR A 507 37.90 20.95 -7.94
CA THR A 507 38.00 22.37 -8.17
C THR A 507 36.95 22.79 -9.21
N ALA A 508 36.60 24.07 -9.19
CA ALA A 508 35.62 24.59 -10.13
C ALA A 508 36.14 24.58 -11.57
N GLY A 509 37.45 24.57 -11.76
CA GLY A 509 38.03 24.59 -13.09
C GLY A 509 38.33 23.22 -13.66
N ALA A 510 39.04 22.39 -12.88
CA ALA A 510 39.40 21.06 -13.36
C ALA A 510 38.27 20.05 -13.16
N GLN A 511 37.46 20.23 -12.11
CA GLN A 511 36.27 19.40 -11.87
C GLN A 511 36.64 17.92 -11.76
N GLN A 512 37.67 17.63 -10.99
CA GLN A 512 38.19 16.27 -10.88
C GLN A 512 37.44 15.48 -9.81
N TYR A 513 37.15 14.22 -10.13
CA TYR A 513 36.52 13.29 -9.20
C TYR A 513 37.12 11.91 -9.44
N VAL A 514 36.79 10.96 -8.57
CA VAL A 514 37.30 9.60 -8.68
C VAL A 514 36.13 8.64 -8.81
N SER A 515 36.42 7.47 -9.38
CA SER A 515 35.44 6.41 -9.55
C SER A 515 35.65 5.38 -8.46
N LEU A 516 34.59 5.09 -7.70
CA LEU A 516 34.63 4.12 -6.61
C LEU A 516 33.99 2.82 -7.11
N ASP A 517 34.83 1.81 -7.35
CA ASP A 517 34.36 0.48 -7.72
C ASP A 517 35.45 -0.52 -7.36
N LEU A 518 35.31 -1.76 -7.84
CA LEU A 518 36.28 -2.80 -7.50
C LEU A 518 37.66 -2.48 -8.05
N ARG A 519 37.73 -1.77 -9.18
CA ARG A 519 39.01 -1.37 -9.72
C ARG A 519 39.64 -0.29 -8.84
N PRO A 520 40.97 -0.13 -8.90
CA PRO A 520 41.61 0.96 -8.17
C PRO A 520 41.10 2.31 -8.60
N LEU A 521 41.43 3.33 -7.81
CA LEU A 521 40.95 4.69 -8.08
C LEU A 521 41.34 5.15 -9.47
N GLU A 522 40.41 5.83 -10.13
CA GLU A 522 40.60 6.40 -11.46
C GLU A 522 40.07 7.82 -11.47
N VAL A 523 40.92 8.75 -11.87
CA VAL A 523 40.57 10.18 -11.85
C VAL A 523 39.86 10.53 -13.15
N ARG A 524 38.72 11.22 -13.03
CA ARG A 524 37.95 11.69 -14.16
C ARG A 524 37.63 13.16 -13.96
N ARG A 525 37.14 13.80 -15.02
CA ARG A 525 36.83 15.22 -14.99
C ARG A 525 35.39 15.46 -15.41
N GLY A 526 34.74 16.39 -14.70
CA GLY A 526 33.40 16.82 -15.04
C GLY A 526 32.30 15.93 -14.52
N LEU A 527 31.52 16.43 -13.56
CA LEU A 527 30.32 15.75 -13.07
C LEU A 527 29.14 16.11 -13.97
N ARG A 528 29.14 15.49 -15.15
CA ARG A 528 28.14 15.74 -16.18
C ARG A 528 28.04 17.24 -16.47
N ALA A 529 29.18 17.81 -16.85
CA ALA A 529 29.27 19.25 -17.03
C ALA A 529 28.34 19.75 -18.14
N GLN A 530 28.20 18.99 -19.22
CA GLN A 530 27.35 19.43 -20.31
C GLN A 530 25.88 19.48 -19.88
N ALA A 531 25.41 18.43 -19.20
CA ALA A 531 24.01 18.40 -18.78
C ALA A 531 23.75 19.41 -17.69
N CYS A 532 24.69 19.57 -16.75
CA CYS A 532 24.47 20.48 -15.64
C CYS A 532 24.59 21.94 -16.05
N ALA A 533 25.27 22.23 -17.18
CA ALA A 533 25.19 23.57 -17.73
C ALA A 533 23.78 23.89 -18.19
N PHE A 534 23.04 22.89 -18.67
CA PHE A 534 21.65 23.12 -19.05
C PHE A 534 20.78 23.40 -17.84
N TRP A 535 20.93 22.60 -16.77
CA TRP A 535 20.07 22.76 -15.61
C TRP A 535 20.46 24.00 -14.80
N ASN A 536 21.75 24.20 -14.57
CA ASN A 536 22.19 25.24 -13.65
C ASN A 536 22.38 26.60 -14.32
N ARG A 537 22.61 26.66 -15.62
CA ARG A 537 22.88 27.91 -16.30
C ARG A 537 21.75 28.33 -17.23
N PHE A 538 21.39 27.50 -18.21
CA PHE A 538 20.49 27.94 -19.27
C PHE A 538 19.03 27.88 -18.84
N LEU A 539 18.60 26.77 -18.25
CA LEU A 539 17.18 26.59 -17.94
C LEU A 539 16.59 27.71 -17.09
N PRO A 540 17.26 28.23 -16.04
CA PRO A 540 16.68 29.38 -15.33
C PRO A 540 16.47 30.59 -16.23
N LYS A 541 17.38 30.85 -17.16
CA LYS A 541 17.17 31.95 -18.10
C LYS A 541 15.96 31.69 -18.99
N LEU A 542 15.75 30.43 -19.37
CA LEU A 542 14.58 30.08 -20.17
C LEU A 542 13.29 30.27 -19.40
N LEU A 543 13.30 30.02 -18.08
CA LEU A 543 12.09 30.18 -17.28
C LEU A 543 11.79 31.65 -17.00
N SER A 544 12.82 32.46 -16.80
CA SER A 544 12.60 33.88 -16.53
C SER A 544 12.03 34.61 -17.74
N ALA A 545 12.59 34.34 -18.93
CA ALA A 545 12.11 35.00 -20.13
C ALA A 545 10.69 34.59 -20.51
N THR A 546 10.22 33.44 -20.04
CA THR A 546 8.86 32.99 -20.34
C THR A 546 8.06 32.81 -19.05
N GLU B 7 -18.85 -35.70 23.13
CA GLU B 7 -17.77 -34.82 23.58
C GLU B 7 -16.71 -34.72 22.49
N ASP B 8 -15.67 -35.54 22.61
CA ASP B 8 -14.61 -35.59 21.62
C ASP B 8 -14.85 -36.64 20.56
N ALA B 9 -15.80 -37.55 20.76
CA ALA B 9 -16.13 -38.54 19.74
C ALA B 9 -16.68 -37.88 18.48
N GLU B 10 -17.30 -36.71 18.62
CA GLU B 10 -17.89 -36.01 17.48
C GLU B 10 -16.93 -35.05 16.82
N LEU B 11 -15.66 -35.00 17.25
CA LEU B 11 -14.64 -34.25 16.55
C LEU B 11 -13.86 -35.10 15.55
N LEU B 12 -14.23 -36.37 15.40
CA LEU B 12 -13.61 -37.26 14.43
C LEU B 12 -14.63 -37.61 13.36
N VAL B 13 -14.29 -37.34 12.11
CA VAL B 13 -15.18 -37.58 10.97
C VAL B 13 -14.36 -38.17 9.84
N THR B 14 -14.92 -39.15 9.14
CA THR B 14 -14.30 -39.74 7.97
C THR B 14 -15.08 -39.28 6.74
N VAL B 15 -14.34 -38.83 5.72
CA VAL B 15 -14.93 -38.47 4.44
C VAL B 15 -14.30 -39.37 3.38
N ARG B 16 -14.67 -39.16 2.11
CA ARG B 16 -14.17 -40.04 1.05
C ARG B 16 -12.66 -39.98 0.90
N GLY B 17 -12.02 -38.89 1.31
CA GLY B 17 -10.58 -38.77 1.16
C GLY B 17 -9.80 -39.30 2.33
N GLY B 18 -10.44 -39.42 3.50
CA GLY B 18 -9.74 -39.88 4.67
C GLY B 18 -10.44 -39.37 5.93
N ARG B 19 -9.70 -39.42 7.02
CA ARG B 19 -10.21 -39.06 8.34
C ARG B 19 -9.81 -37.63 8.70
N LEU B 20 -10.62 -37.00 9.54
CA LEU B 20 -10.42 -35.61 9.93
C LEU B 20 -10.61 -35.47 11.43
N ARG B 21 -9.87 -34.53 12.02
CA ARG B 21 -10.08 -34.11 13.39
C ARG B 21 -10.49 -32.64 13.39
N GLY B 22 -11.63 -32.34 13.97
CA GLY B 22 -12.13 -30.99 14.08
C GLY B 22 -11.80 -30.34 15.40
N ILE B 23 -12.48 -29.24 15.69
CA ILE B 23 -12.27 -28.50 16.93
C ILE B 23 -13.63 -28.04 17.44
N ARG B 24 -13.77 -27.99 18.76
CA ARG B 24 -14.99 -27.53 19.41
C ARG B 24 -14.92 -26.03 19.59
N LEU B 25 -15.89 -25.31 19.02
CA LEU B 25 -15.97 -23.87 19.15
C LEU B 25 -17.07 -23.50 20.14
N LYS B 26 -16.82 -22.43 20.90
CA LYS B 26 -17.71 -22.00 21.96
C LYS B 26 -18.50 -20.77 21.54
N THR B 27 -19.80 -20.80 21.79
CA THR B 27 -20.70 -19.67 21.62
C THR B 27 -21.45 -19.46 22.92
N PRO B 28 -22.02 -18.27 23.14
CA PRO B 28 -22.81 -18.06 24.37
C PRO B 28 -24.00 -18.99 24.50
N GLY B 29 -24.47 -19.60 23.41
CA GLY B 29 -25.60 -20.48 23.47
C GLY B 29 -25.23 -21.94 23.63
N GLY B 30 -24.00 -22.28 23.27
CA GLY B 30 -23.54 -23.65 23.37
C GLY B 30 -22.40 -23.95 22.43
N PRO B 31 -21.82 -25.13 22.55
CA PRO B 31 -20.68 -25.51 21.69
C PRO B 31 -21.11 -25.84 20.27
N VAL B 32 -20.13 -25.75 19.37
CA VAL B 32 -20.30 -26.09 17.97
C VAL B 32 -19.07 -26.87 17.52
N SER B 33 -19.26 -27.84 16.64
CA SER B 33 -18.15 -28.60 16.08
C SER B 33 -17.75 -28.00 14.74
N ALA B 34 -16.47 -27.67 14.59
CA ALA B 34 -15.97 -27.04 13.38
C ALA B 34 -14.84 -27.88 12.78
N PHE B 35 -14.85 -28.01 11.46
CA PHE B 35 -13.83 -28.72 10.71
C PHE B 35 -13.28 -27.73 9.69
N LEU B 36 -12.19 -27.06 10.05
CA LEU B 36 -11.66 -25.94 9.30
C LEU B 36 -10.42 -26.37 8.53
N GLY B 37 -10.38 -26.06 7.24
CA GLY B 37 -9.22 -26.32 6.42
C GLY B 37 -9.18 -27.71 5.83
N ILE B 38 -10.32 -28.18 5.32
CA ILE B 38 -10.39 -29.49 4.68
C ILE B 38 -9.94 -29.36 3.24
N PRO B 39 -8.93 -30.12 2.80
CA PRO B 39 -8.51 -30.05 1.39
C PRO B 39 -9.55 -30.69 0.48
N PHE B 40 -10.13 -29.89 -0.41
CA PHE B 40 -11.05 -30.41 -1.41
C PHE B 40 -10.45 -30.45 -2.81
N ALA B 41 -9.25 -29.91 -3.00
CA ALA B 41 -8.60 -29.96 -4.30
C ALA B 41 -7.12 -30.17 -4.11
N GLU B 42 -6.46 -30.67 -5.16
CA GLU B 42 -5.02 -30.69 -5.21
C GLU B 42 -4.49 -29.25 -5.31
N PRO B 43 -3.34 -28.97 -4.70
CA PRO B 43 -2.79 -27.60 -4.73
C PRO B 43 -2.56 -27.14 -6.16
N PRO B 44 -3.22 -26.06 -6.58
CA PRO B 44 -3.09 -25.57 -7.97
C PRO B 44 -1.79 -24.78 -8.19
N MET B 45 -0.66 -25.45 -7.99
CA MET B 45 0.65 -24.83 -8.03
C MET B 45 1.46 -25.37 -9.20
N GLY B 46 2.57 -24.68 -9.48
CA GLY B 46 3.46 -25.06 -10.55
C GLY B 46 2.77 -25.08 -11.90
N PRO B 47 2.77 -26.25 -12.56
CA PRO B 47 2.07 -26.37 -13.85
C PRO B 47 0.56 -26.32 -13.72
N ARG B 48 0.01 -26.40 -12.51
CA ARG B 48 -1.43 -26.35 -12.31
C ARG B 48 -1.96 -24.92 -12.18
N ARG B 49 -1.08 -23.92 -12.19
CA ARG B 49 -1.53 -22.53 -12.14
C ARG B 49 -2.33 -22.19 -13.39
N PHE B 50 -3.43 -21.46 -13.18
CA PHE B 50 -4.41 -21.07 -14.20
C PHE B 50 -5.24 -22.24 -14.71
N LEU B 51 -5.05 -23.48 -14.17
CA LEU B 51 -5.78 -24.63 -14.67
C LEU B 51 -6.97 -24.95 -13.76
N PRO B 52 -8.00 -25.62 -14.29
CA PRO B 52 -9.12 -26.00 -13.44
C PRO B 52 -8.65 -26.95 -12.35
N PRO B 53 -9.35 -26.99 -11.22
CA PRO B 53 -8.88 -27.78 -10.08
C PRO B 53 -9.11 -29.27 -10.28
N GLU B 54 -8.23 -30.06 -9.69
CA GLU B 54 -8.36 -31.50 -9.58
C GLU B 54 -8.86 -31.87 -8.19
N PRO B 55 -9.68 -32.92 -8.08
CA PRO B 55 -10.13 -33.35 -6.76
C PRO B 55 -8.96 -33.76 -5.88
N LYS B 56 -9.12 -33.54 -4.58
CA LYS B 56 -8.09 -33.91 -3.62
C LYS B 56 -7.97 -35.42 -3.52
N GLN B 57 -6.76 -35.93 -3.72
CA GLN B 57 -6.51 -37.37 -3.65
C GLN B 57 -6.68 -37.86 -2.21
N PRO B 58 -7.10 -39.11 -2.03
CA PRO B 58 -7.25 -39.64 -0.67
C PRO B 58 -5.93 -39.62 0.09
N TRP B 59 -6.03 -39.45 1.40
CA TRP B 59 -4.86 -39.29 2.26
C TRP B 59 -4.88 -40.34 3.37
N SER B 60 -3.68 -40.69 3.83
CA SER B 60 -3.53 -41.61 4.94
C SER B 60 -3.49 -40.82 6.25
N GLY B 61 -3.91 -41.48 7.32
CA GLY B 61 -3.90 -40.84 8.62
C GLY B 61 -5.02 -39.84 8.79
N VAL B 62 -4.82 -38.94 9.76
CA VAL B 62 -5.82 -37.94 10.13
C VAL B 62 -5.30 -36.57 9.70
N VAL B 63 -6.11 -35.86 8.91
CA VAL B 63 -5.83 -34.47 8.59
C VAL B 63 -6.34 -33.60 9.73
N ASP B 64 -5.47 -32.72 10.25
CA ASP B 64 -5.85 -31.83 11.34
C ASP B 64 -6.69 -30.69 10.75
N ALA B 65 -7.96 -30.64 11.14
CA ALA B 65 -8.85 -29.58 10.66
C ALA B 65 -9.28 -28.69 11.82
N THR B 66 -8.31 -28.16 12.57
CA THR B 66 -8.60 -27.35 13.75
C THR B 66 -8.34 -25.88 13.55
N THR B 67 -7.85 -25.47 12.38
CA THR B 67 -7.59 -24.06 12.11
C THR B 67 -7.74 -23.82 10.61
N PHE B 68 -8.01 -22.55 10.26
CA PHE B 68 -8.14 -22.18 8.87
C PHE B 68 -6.81 -22.36 8.13
N GLN B 69 -6.92 -22.60 6.83
CA GLN B 69 -5.76 -22.78 5.98
C GLN B 69 -5.35 -21.45 5.34
N SER B 70 -4.45 -21.51 4.37
CA SER B 70 -3.85 -20.32 3.79
C SER B 70 -4.85 -19.58 2.90
N VAL B 71 -4.72 -18.25 2.88
CA VAL B 71 -5.50 -17.40 1.99
C VAL B 71 -4.88 -17.44 0.60
N CYS B 72 -5.73 -17.45 -0.43
CA CYS B 72 -5.21 -17.39 -1.80
C CYS B 72 -4.56 -16.05 -2.05
N TYR B 73 -3.52 -16.06 -2.90
CA TYR B 73 -2.77 -14.84 -3.20
C TYR B 73 -3.68 -13.75 -3.73
N GLN B 74 -3.54 -12.54 -3.20
CA GLN B 74 -4.44 -11.45 -3.55
C GLN B 74 -3.82 -10.13 -3.13
N TYR B 75 -4.34 -9.05 -3.72
CA TYR B 75 -3.98 -7.71 -3.31
C TYR B 75 -4.46 -7.44 -1.89
N VAL B 76 -3.66 -6.66 -1.15
CA VAL B 76 -3.95 -6.31 0.23
C VAL B 76 -4.18 -4.80 0.31
N ASP B 77 -5.32 -4.41 0.88
CA ASP B 77 -5.64 -2.99 1.04
C ASP B 77 -4.73 -2.39 2.11
N THR B 78 -3.81 -1.52 1.69
CA THR B 78 -2.87 -0.88 2.61
C THR B 78 -3.04 0.63 2.66
N LEU B 79 -4.19 1.13 2.18
CA LEU B 79 -4.43 2.57 2.13
C LEU B 79 -4.70 3.16 3.50
N TYR B 80 -5.08 2.36 4.49
CA TYR B 80 -5.35 2.84 5.85
C TYR B 80 -4.83 1.82 6.85
N PRO B 81 -3.53 1.87 7.16
CA PRO B 81 -2.95 0.91 8.10
C PRO B 81 -3.62 1.00 9.46
N GLY B 82 -4.03 -0.14 10.00
CA GLY B 82 -4.64 -0.22 11.31
C GLY B 82 -6.11 0.14 11.35
N PHE B 83 -6.68 0.64 10.26
CA PHE B 83 -8.09 1.01 10.25
C PHE B 83 -8.95 -0.24 10.17
N GLU B 84 -9.90 -0.37 11.10
CA GLU B 84 -10.74 -1.56 11.16
C GLU B 84 -11.55 -1.73 9.89
N GLY B 85 -12.02 -0.63 9.30
CA GLY B 85 -12.93 -0.72 8.17
C GLY B 85 -12.34 -1.41 6.96
N THR B 86 -11.02 -1.35 6.79
CA THR B 86 -10.35 -2.05 5.70
C THR B 86 -9.65 -3.33 6.14
N GLU B 87 -9.04 -3.33 7.33
CA GLU B 87 -8.29 -4.51 7.77
C GLU B 87 -9.17 -5.74 7.91
N MET B 88 -10.46 -5.54 8.25
CA MET B 88 -11.36 -6.66 8.47
C MET B 88 -11.57 -7.50 7.22
N TRP B 89 -11.29 -6.96 6.04
CA TRP B 89 -11.40 -7.70 4.79
C TRP B 89 -10.07 -8.26 4.31
N ASN B 90 -8.96 -7.83 4.90
CA ASN B 90 -7.64 -8.28 4.47
C ASN B 90 -7.38 -9.70 4.98
N PRO B 91 -6.47 -10.43 4.32
CA PRO B 91 -6.21 -11.82 4.73
C PRO B 91 -5.69 -11.89 6.16
N ASN B 92 -6.25 -12.83 6.92
CA ASN B 92 -5.81 -13.10 8.29
C ASN B 92 -5.03 -14.42 8.38
N ARG B 93 -4.60 -14.97 7.25
CA ARG B 93 -3.70 -16.10 7.18
C ARG B 93 -2.63 -15.81 6.14
N GLU B 94 -1.62 -16.66 6.09
CA GLU B 94 -0.56 -16.52 5.10
C GLU B 94 -1.13 -16.66 3.69
N LEU B 95 -0.50 -15.96 2.75
CA LEU B 95 -0.87 -16.09 1.34
C LEU B 95 -0.16 -17.29 0.73
N SER B 96 -0.90 -18.06 -0.05
CA SER B 96 -0.33 -19.25 -0.69
C SER B 96 -1.25 -19.67 -1.84
N GLU B 97 -0.63 -20.15 -2.93
CA GLU B 97 -1.40 -20.78 -3.98
C GLU B 97 -2.00 -22.11 -3.54
N ASP B 98 -1.44 -22.70 -2.47
CA ASP B 98 -2.02 -23.89 -1.83
C ASP B 98 -3.09 -23.39 -0.87
N CYS B 99 -4.26 -23.08 -1.43
CA CYS B 99 -5.32 -22.43 -0.69
C CYS B 99 -6.70 -23.06 -0.89
N LEU B 100 -6.80 -24.13 -1.68
CA LEU B 100 -8.10 -24.72 -2.01
C LEU B 100 -8.52 -25.63 -0.85
N TYR B 101 -9.05 -25.01 0.19
CA TYR B 101 -9.57 -25.70 1.36
C TYR B 101 -10.95 -25.14 1.69
N LEU B 102 -11.77 -25.96 2.35
CA LEU B 102 -13.10 -25.54 2.76
C LEU B 102 -13.30 -25.82 4.26
N ASN B 103 -14.39 -25.31 4.80
CA ASN B 103 -14.67 -25.37 6.22
C ASN B 103 -16.11 -25.85 6.43
N VAL B 104 -16.32 -26.58 7.52
CA VAL B 104 -17.62 -27.15 7.86
C VAL B 104 -17.91 -26.84 9.32
N TRP B 105 -19.01 -26.14 9.57
CA TRP B 105 -19.55 -25.95 10.91
C TRP B 105 -20.79 -26.82 11.05
N THR B 106 -20.83 -27.63 12.11
CA THR B 106 -21.98 -28.49 12.36
C THR B 106 -22.41 -28.35 13.81
N PRO B 107 -23.70 -28.47 14.10
CA PRO B 107 -24.17 -28.25 15.47
C PRO B 107 -23.67 -29.33 16.43
N TYR B 108 -23.73 -29.01 17.72
CA TYR B 108 -23.44 -29.96 18.77
C TYR B 108 -24.66 -30.15 19.65
N PRO B 109 -25.15 -31.38 19.85
CA PRO B 109 -24.56 -32.60 19.26
C PRO B 109 -24.83 -32.72 17.77
N ARG B 110 -24.07 -33.58 17.09
CA ARG B 110 -24.22 -33.72 15.65
C ARG B 110 -25.66 -34.11 15.31
N PRO B 111 -26.25 -33.51 14.28
CA PRO B 111 -27.64 -33.85 13.94
C PRO B 111 -27.78 -35.31 13.56
N THR B 112 -28.87 -35.91 14.01
CA THR B 112 -29.15 -37.32 13.74
C THR B 112 -29.92 -37.53 12.44
N SER B 113 -30.79 -36.60 12.08
CA SER B 113 -31.50 -36.59 10.81
C SER B 113 -30.86 -35.58 9.87
N PRO B 114 -31.03 -35.74 8.56
CA PRO B 114 -30.43 -34.79 7.61
C PRO B 114 -30.87 -33.36 7.87
N THR B 115 -29.91 -32.45 7.81
CA THR B 115 -30.10 -31.05 8.16
C THR B 115 -29.78 -30.14 6.98
N PRO B 116 -30.58 -29.10 6.74
CA PRO B 116 -30.31 -28.21 5.60
C PRO B 116 -28.93 -27.58 5.69
N VAL B 117 -28.30 -27.43 4.53
CA VAL B 117 -26.92 -26.99 4.41
C VAL B 117 -26.90 -25.58 3.82
N LEU B 118 -26.12 -24.70 4.44
CA LEU B 118 -25.83 -23.38 3.90
C LEU B 118 -24.39 -23.36 3.40
N VAL B 119 -24.17 -22.84 2.20
CA VAL B 119 -22.86 -22.78 1.59
C VAL B 119 -22.55 -21.32 1.27
N TRP B 120 -21.54 -20.77 1.94
CA TRP B 120 -21.17 -19.37 1.81
C TRP B 120 -20.07 -19.19 0.79
N ILE B 121 -20.22 -18.19 -0.08
CA ILE B 121 -19.21 -17.81 -1.05
C ILE B 121 -18.86 -16.35 -0.81
N TYR B 122 -17.63 -16.08 -0.36
CA TYR B 122 -17.23 -14.73 -0.03
C TYR B 122 -17.10 -13.88 -1.29
N GLY B 123 -17.30 -12.58 -1.12
CA GLY B 123 -17.05 -11.61 -2.17
C GLY B 123 -15.66 -11.03 -2.08
N GLY B 124 -15.46 -9.92 -2.80
CA GLY B 124 -14.18 -9.26 -2.85
C GLY B 124 -13.76 -8.96 -4.29
N GLY B 125 -14.72 -8.61 -5.14
CA GLY B 125 -14.43 -8.23 -6.51
C GLY B 125 -13.72 -9.26 -7.34
N PHE B 126 -13.80 -10.54 -6.95
CA PHE B 126 -13.08 -11.64 -7.59
C PHE B 126 -11.55 -11.47 -7.54
N TYR B 127 -11.06 -10.48 -6.79
CA TYR B 127 -9.61 -10.31 -6.63
C TYR B 127 -9.13 -10.52 -5.21
N SER B 128 -10.02 -10.73 -4.25
CA SER B 128 -9.66 -10.81 -2.85
C SER B 128 -10.74 -11.61 -2.11
N GLY B 129 -10.53 -11.77 -0.80
CA GLY B 129 -11.44 -12.48 0.06
C GLY B 129 -10.85 -13.79 0.57
N ALA B 130 -11.48 -14.32 1.61
CA ALA B 130 -11.08 -15.58 2.23
C ALA B 130 -12.20 -16.07 3.12
N SER B 131 -12.30 -17.39 3.25
CA SER B 131 -13.30 -17.98 4.14
C SER B 131 -12.91 -17.87 5.60
N SER B 132 -11.69 -17.43 5.91
CA SER B 132 -11.17 -17.39 7.27
C SER B 132 -11.45 -16.08 7.98
N LEU B 133 -12.04 -15.09 7.30
CA LEU B 133 -12.26 -13.79 7.92
C LEU B 133 -13.18 -13.90 9.13
N ASP B 134 -12.90 -13.08 10.15
CA ASP B 134 -13.68 -13.13 11.38
C ASP B 134 -15.16 -12.89 11.11
N VAL B 135 -15.47 -12.04 10.12
CA VAL B 135 -16.87 -11.70 9.84
C VAL B 135 -17.63 -12.84 9.18
N TYR B 136 -16.92 -13.88 8.73
CA TYR B 136 -17.56 -15.06 8.15
C TYR B 136 -17.56 -16.25 9.12
N ASP B 137 -17.35 -16.01 10.41
CA ASP B 137 -17.35 -17.09 11.39
C ASP B 137 -18.76 -17.66 11.50
N GLY B 138 -18.90 -18.93 11.14
CA GLY B 138 -20.21 -19.57 11.10
C GLY B 138 -20.63 -20.28 12.36
N ARG B 139 -20.01 -19.97 13.50
CA ARG B 139 -20.38 -20.67 14.74
C ARG B 139 -21.71 -20.19 15.29
N PHE B 140 -22.05 -18.91 15.12
CA PHE B 140 -23.28 -18.40 15.71
C PHE B 140 -24.49 -18.76 14.85
N LEU B 141 -24.32 -18.80 13.53
CA LEU B 141 -25.41 -19.19 12.64
C LEU B 141 -25.73 -20.67 12.79
N VAL B 142 -24.72 -21.49 13.08
CA VAL B 142 -24.94 -22.93 13.22
C VAL B 142 -25.54 -23.25 14.60
N GLN B 143 -25.11 -22.53 15.64
CA GLN B 143 -25.62 -22.82 16.97
C GLN B 143 -27.08 -22.37 17.11
N ALA B 144 -27.38 -21.15 16.67
CA ALA B 144 -28.70 -20.58 16.93
C ALA B 144 -29.79 -21.23 16.09
N GLU B 145 -29.45 -21.75 14.91
CA GLU B 145 -30.43 -22.29 13.98
C GLU B 145 -30.23 -23.75 13.64
N ARG B 146 -29.19 -24.40 14.19
CA ARG B 146 -28.91 -25.82 13.99
C ARG B 146 -28.97 -26.21 12.51
N THR B 147 -28.20 -25.48 11.71
CA THR B 147 -27.98 -25.82 10.32
C THR B 147 -26.50 -26.15 10.12
N VAL B 148 -26.19 -26.79 8.99
CA VAL B 148 -24.81 -27.08 8.61
C VAL B 148 -24.35 -25.97 7.67
N LEU B 149 -23.27 -25.30 8.03
CA LEU B 149 -22.72 -24.21 7.25
C LEU B 149 -21.37 -24.62 6.67
N VAL B 150 -21.19 -24.38 5.37
CA VAL B 150 -19.96 -24.68 4.65
C VAL B 150 -19.48 -23.42 3.97
N SER B 151 -18.17 -23.21 3.96
CA SER B 151 -17.57 -22.13 3.19
C SER B 151 -16.26 -22.62 2.60
N MET B 152 -15.93 -22.15 1.40
CA MET B 152 -14.73 -22.59 0.70
C MET B 152 -13.90 -21.39 0.26
N ASN B 153 -12.62 -21.65 0.00
CA ASN B 153 -11.75 -20.70 -0.66
C ASN B 153 -11.74 -21.00 -2.15
N TYR B 154 -11.69 -19.95 -2.95
CA TYR B 154 -11.54 -20.08 -4.40
C TYR B 154 -10.51 -19.09 -4.88
N ARG B 155 -9.86 -19.43 -5.98
CA ARG B 155 -8.76 -18.61 -6.49
C ARG B 155 -9.29 -17.29 -7.02
N VAL B 156 -8.70 -16.20 -6.57
CA VAL B 156 -9.12 -14.85 -6.95
C VAL B 156 -8.02 -14.21 -7.79
N GLY B 157 -8.35 -13.08 -8.40
CA GLY B 157 -7.37 -12.37 -9.20
C GLY B 157 -6.96 -13.16 -10.43
N ALA B 158 -5.71 -12.96 -10.85
CA ALA B 158 -5.20 -13.65 -12.04
C ALA B 158 -5.14 -15.16 -11.84
N PHE B 159 -4.91 -15.61 -10.60
CA PHE B 159 -4.82 -17.04 -10.34
C PHE B 159 -6.16 -17.74 -10.52
N GLY B 160 -7.26 -16.99 -10.46
CA GLY B 160 -8.57 -17.59 -10.60
C GLY B 160 -9.30 -17.21 -11.88
N PHE B 161 -8.91 -16.09 -12.50
CA PHE B 161 -9.71 -15.58 -13.60
C PHE B 161 -8.91 -14.98 -14.75
N LEU B 162 -7.57 -15.09 -14.75
CA LEU B 162 -6.82 -14.75 -15.95
C LEU B 162 -7.21 -15.70 -17.06
N ALA B 163 -7.53 -15.15 -18.23
CA ALA B 163 -8.08 -15.95 -19.32
C ALA B 163 -7.46 -15.52 -20.64
N LEU B 164 -6.83 -16.47 -21.31
CA LEU B 164 -6.56 -16.37 -22.73
C LEU B 164 -7.58 -17.24 -23.44
N PRO B 165 -8.74 -16.68 -23.81
CA PRO B 165 -9.86 -17.52 -24.26
C PRO B 165 -9.49 -18.39 -25.45
N GLY B 166 -9.95 -19.63 -25.41
CA GLY B 166 -9.63 -20.61 -26.42
C GLY B 166 -8.40 -21.44 -26.13
N SER B 167 -7.58 -21.06 -25.15
CA SER B 167 -6.38 -21.80 -24.83
C SER B 167 -6.67 -22.89 -23.80
N ARG B 168 -5.87 -23.94 -23.83
CA ARG B 168 -5.94 -24.99 -22.84
C ARG B 168 -5.12 -24.69 -21.58
N GLU B 169 -4.17 -23.75 -21.67
CA GLU B 169 -3.28 -23.44 -20.56
C GLU B 169 -3.88 -22.43 -19.58
N ALA B 170 -4.77 -21.55 -20.05
CA ALA B 170 -5.43 -20.57 -19.19
C ALA B 170 -6.83 -20.32 -19.70
N PRO B 171 -7.75 -21.27 -19.47
CA PRO B 171 -9.10 -21.13 -20.04
C PRO B 171 -9.95 -20.08 -19.35
N GLY B 172 -9.65 -19.73 -18.11
CA GLY B 172 -10.45 -18.80 -17.35
C GLY B 172 -11.54 -19.48 -16.55
N ASN B 173 -12.15 -18.70 -15.65
CA ASN B 173 -13.25 -19.13 -14.79
C ASN B 173 -12.87 -20.26 -13.85
N VAL B 174 -11.58 -20.55 -13.69
CA VAL B 174 -11.17 -21.64 -12.81
C VAL B 174 -11.52 -21.34 -11.35
N GLY B 175 -11.61 -20.05 -11.00
CA GLY B 175 -12.08 -19.71 -9.67
C GLY B 175 -13.51 -20.13 -9.43
N LEU B 176 -14.36 -20.00 -10.45
CA LEU B 176 -15.72 -20.51 -10.37
C LEU B 176 -15.72 -22.04 -10.33
N LEU B 177 -14.79 -22.69 -11.03
CA LEU B 177 -14.68 -24.13 -10.96
C LEU B 177 -14.22 -24.60 -9.59
N ASP B 178 -13.38 -23.82 -8.91
CA ASP B 178 -13.06 -24.11 -7.52
C ASP B 178 -14.30 -24.15 -6.67
N GLN B 179 -15.22 -23.20 -6.87
CA GLN B 179 -16.47 -23.20 -6.11
C GLN B 179 -17.32 -24.41 -6.45
N ARG B 180 -17.38 -24.76 -7.74
CA ARG B 180 -18.17 -25.92 -8.16
C ARG B 180 -17.63 -27.20 -7.54
N LEU B 181 -16.30 -27.38 -7.55
CA LEU B 181 -15.70 -28.55 -6.93
C LEU B 181 -16.07 -28.64 -5.45
N ALA B 182 -16.08 -27.50 -4.76
CA ALA B 182 -16.51 -27.50 -3.36
C ALA B 182 -17.98 -27.90 -3.23
N LEU B 183 -18.81 -27.52 -4.19
CA LEU B 183 -20.22 -27.90 -4.16
C LEU B 183 -20.37 -29.40 -4.39
N GLN B 184 -19.58 -29.96 -5.31
CA GLN B 184 -19.55 -31.41 -5.49
C GLN B 184 -19.06 -32.10 -4.23
N TRP B 185 -18.10 -31.49 -3.53
CA TRP B 185 -17.61 -32.05 -2.27
C TRP B 185 -18.73 -32.10 -1.23
N VAL B 186 -19.60 -31.07 -1.21
CA VAL B 186 -20.69 -31.03 -0.25
C VAL B 186 -21.67 -32.17 -0.53
N GLN B 187 -21.98 -32.42 -1.81
CA GLN B 187 -22.89 -33.50 -2.15
C GLN B 187 -22.35 -34.86 -1.71
N GLU B 188 -21.03 -35.06 -1.83
CA GLU B 188 -20.43 -36.35 -1.55
C GLU B 188 -20.03 -36.54 -0.09
N ASN B 189 -20.02 -35.48 0.73
CA ASN B 189 -19.47 -35.64 2.07
C ASN B 189 -20.25 -34.93 3.18
N VAL B 190 -21.22 -34.06 2.88
CA VAL B 190 -21.84 -33.30 3.96
C VAL B 190 -22.73 -34.17 4.83
N ALA B 191 -23.11 -35.36 4.35
CA ALA B 191 -23.91 -36.26 5.16
C ALA B 191 -23.15 -36.76 6.38
N ALA B 192 -21.82 -36.87 6.26
CA ALA B 192 -21.00 -37.29 7.40
C ALA B 192 -21.04 -36.29 8.55
N PHE B 193 -21.40 -35.05 8.28
CA PHE B 193 -21.51 -34.02 9.31
C PHE B 193 -22.94 -33.82 9.78
N GLY B 194 -23.89 -34.60 9.28
CA GLY B 194 -25.29 -34.40 9.59
C GLY B 194 -26.03 -33.54 8.60
N GLY B 195 -25.41 -33.16 7.50
CA GLY B 195 -26.03 -32.27 6.53
C GLY B 195 -26.82 -33.01 5.46
N ASP B 196 -27.86 -32.33 4.97
CA ASP B 196 -28.73 -32.89 3.94
C ASP B 196 -28.24 -32.45 2.58
N PRO B 197 -27.64 -33.34 1.77
CA PRO B 197 -27.19 -32.93 0.44
C PRO B 197 -28.32 -32.59 -0.52
N THR B 198 -29.58 -32.83 -0.16
CA THR B 198 -30.71 -32.47 -1.00
C THR B 198 -31.33 -31.14 -0.63
N SER B 199 -30.83 -30.48 0.42
CA SER B 199 -31.30 -29.16 0.84
C SER B 199 -30.07 -28.28 1.04
N VAL B 200 -29.50 -27.81 -0.07
CA VAL B 200 -28.31 -26.96 -0.06
C VAL B 200 -28.70 -25.57 -0.54
N THR B 201 -28.52 -24.57 0.32
CA THR B 201 -28.83 -23.18 -0.01
C THR B 201 -27.52 -22.41 -0.18
N LEU B 202 -27.24 -21.97 -1.41
CA LEU B 202 -26.11 -21.10 -1.67
C LEU B 202 -26.40 -19.68 -1.23
N PHE B 203 -25.41 -19.03 -0.63
CA PHE B 203 -25.52 -17.60 -0.35
C PHE B 203 -24.13 -16.97 -0.38
N GLY B 204 -24.10 -15.73 -0.85
CA GLY B 204 -22.86 -14.98 -0.96
C GLY B 204 -23.16 -13.50 -1.06
N GLU B 205 -22.11 -12.71 -0.94
CA GLU B 205 -22.22 -11.26 -0.99
C GLU B 205 -21.26 -10.71 -2.04
N SER B 206 -21.71 -9.68 -2.76
CA SER B 206 -20.91 -8.98 -3.75
C SER B 206 -20.45 -9.96 -4.82
N ALA B 207 -19.15 -10.16 -5.03
CA ALA B 207 -18.70 -11.12 -6.03
C ALA B 207 -19.14 -12.53 -5.69
N GLY B 208 -19.33 -12.83 -4.40
CA GLY B 208 -19.89 -14.12 -4.04
C GLY B 208 -21.34 -14.26 -4.48
N ALA B 209 -22.12 -13.19 -4.34
CA ALA B 209 -23.48 -13.19 -4.86
C ALA B 209 -23.49 -13.31 -6.38
N ALA B 210 -22.56 -12.62 -7.05
CA ALA B 210 -22.42 -12.79 -8.49
C ALA B 210 -22.03 -14.22 -8.84
N SER B 211 -21.21 -14.86 -7.99
CA SER B 211 -20.86 -16.26 -8.21
C SER B 211 -22.07 -17.17 -8.09
N VAL B 212 -22.91 -16.94 -7.07
CA VAL B 212 -24.13 -17.73 -6.91
C VAL B 212 -25.00 -17.60 -8.15
N GLY B 213 -25.15 -16.38 -8.67
CA GLY B 213 -25.97 -16.19 -9.86
C GLY B 213 -25.43 -16.92 -11.07
N MET B 214 -24.10 -16.99 -11.19
CA MET B 214 -23.51 -17.70 -12.32
C MET B 214 -23.68 -19.21 -12.18
N HIS B 215 -23.74 -19.72 -10.96
CA HIS B 215 -24.02 -21.15 -10.79
C HIS B 215 -25.47 -21.47 -11.13
N LEU B 216 -26.39 -20.54 -10.85
CA LEU B 216 -27.77 -20.70 -11.28
C LEU B 216 -27.88 -20.79 -12.80
N LEU B 217 -27.03 -20.07 -13.51
CA LEU B 217 -27.08 -19.99 -14.97
C LEU B 217 -26.13 -20.99 -15.65
N SER B 218 -25.45 -21.84 -14.88
CA SER B 218 -24.57 -22.84 -15.46
C SER B 218 -25.15 -24.23 -15.21
N PRO B 219 -25.43 -24.99 -16.26
CA PRO B 219 -26.07 -26.31 -16.09
C PRO B 219 -25.30 -27.24 -15.15
N PRO B 220 -23.98 -27.40 -15.30
CA PRO B 220 -23.27 -28.35 -14.43
C PRO B 220 -23.29 -27.98 -12.96
N SER B 221 -23.54 -26.72 -12.62
CA SER B 221 -23.59 -26.30 -11.23
C SER B 221 -25.00 -26.27 -10.66
N ARG B 222 -26.01 -26.07 -11.52
CA ARG B 222 -27.38 -25.90 -11.04
C ARG B 222 -27.88 -27.15 -10.32
N GLY B 223 -27.40 -28.33 -10.71
CA GLY B 223 -27.77 -29.55 -10.03
C GLY B 223 -27.09 -29.81 -8.71
N LEU B 224 -26.24 -28.91 -8.25
CA LEU B 224 -25.50 -29.09 -7.00
C LEU B 224 -26.09 -28.32 -5.82
N PHE B 225 -27.19 -27.58 -6.04
CA PHE B 225 -27.82 -26.82 -4.97
C PHE B 225 -29.27 -26.57 -5.38
N HIS B 226 -30.05 -26.05 -4.43
CA HIS B 226 -31.49 -25.95 -4.60
C HIS B 226 -32.08 -24.57 -4.33
N ARG B 227 -31.42 -23.73 -3.53
CA ARG B 227 -31.88 -22.37 -3.30
C ARG B 227 -30.69 -21.44 -3.36
N ALA B 228 -30.98 -20.15 -3.51
CA ALA B 228 -29.95 -19.14 -3.68
C ALA B 228 -30.30 -17.88 -2.90
N VAL B 229 -29.27 -17.26 -2.31
CA VAL B 229 -29.39 -15.97 -1.65
C VAL B 229 -28.30 -15.07 -2.21
N LEU B 230 -28.70 -14.00 -2.90
CA LEU B 230 -27.78 -13.07 -3.53
C LEU B 230 -27.81 -11.76 -2.77
N GLN B 231 -26.72 -11.47 -2.05
CA GLN B 231 -26.62 -10.28 -1.21
C GLN B 231 -25.70 -9.27 -1.88
N SER B 232 -26.26 -8.13 -2.25
CA SER B 232 -25.48 -6.99 -2.78
C SER B 232 -24.64 -7.41 -3.97
N GLY B 233 -25.21 -8.21 -4.86
CA GLY B 233 -24.48 -8.63 -6.04
C GLY B 233 -25.31 -9.43 -7.01
N ALA B 234 -24.96 -9.35 -8.29
CA ALA B 234 -25.69 -10.05 -9.34
C ALA B 234 -24.69 -10.40 -10.43
N PRO B 235 -24.94 -11.49 -11.18
CA PRO B 235 -24.02 -11.85 -12.26
C PRO B 235 -24.10 -10.92 -13.46
N ASN B 236 -25.18 -10.15 -13.60
CA ASN B 236 -25.38 -9.28 -14.75
C ASN B 236 -24.84 -7.87 -14.55
N GLY B 237 -24.14 -7.62 -13.45
CA GLY B 237 -23.54 -6.32 -13.22
C GLY B 237 -22.47 -5.97 -14.24
N PRO B 238 -22.19 -4.67 -14.39
CA PRO B 238 -21.14 -4.25 -15.33
C PRO B 238 -19.73 -4.63 -14.88
N TRP B 239 -19.56 -5.07 -13.64
CA TRP B 239 -18.24 -5.43 -13.11
C TRP B 239 -18.03 -6.94 -13.00
N ALA B 240 -19.09 -7.74 -13.09
CA ALA B 240 -18.98 -9.15 -12.74
C ALA B 240 -18.44 -10.02 -13.87
N THR B 241 -18.54 -9.55 -15.12
CA THR B 241 -18.06 -10.33 -16.27
C THR B 241 -17.20 -9.45 -17.17
N VAL B 242 -16.55 -10.09 -18.13
CA VAL B 242 -15.68 -9.41 -19.09
C VAL B 242 -15.70 -10.20 -20.39
N GLY B 243 -15.47 -9.49 -21.49
CA GLY B 243 -15.50 -10.14 -22.80
C GLY B 243 -14.18 -10.85 -23.12
N MET B 244 -14.25 -11.73 -24.12
CA MET B 244 -13.09 -12.50 -24.52
C MET B 244 -11.96 -11.60 -25.00
N GLY B 245 -12.28 -10.59 -25.80
CA GLY B 245 -11.24 -9.70 -26.30
C GLY B 245 -10.60 -8.88 -25.19
N GLU B 246 -11.40 -8.39 -24.25
CA GLU B 246 -10.84 -7.60 -23.17
C GLU B 246 -10.07 -8.47 -22.18
N ALA B 247 -10.55 -9.70 -21.94
CA ALA B 247 -9.81 -10.62 -21.07
C ALA B 247 -8.44 -10.95 -21.65
N ARG B 248 -8.38 -11.16 -22.97
CA ARG B 248 -7.10 -11.42 -23.61
C ARG B 248 -6.16 -10.22 -23.51
N ARG B 249 -6.71 -9.01 -23.62
CA ARG B 249 -5.87 -7.82 -23.53
C ARG B 249 -5.30 -7.66 -22.12
N ARG B 250 -6.12 -7.92 -21.10
CA ARG B 250 -5.65 -7.78 -19.73
C ARG B 250 -4.62 -8.86 -19.38
N ALA B 251 -4.84 -10.09 -19.85
CA ALA B 251 -3.86 -11.15 -19.61
C ALA B 251 -2.55 -10.85 -20.33
N THR B 252 -2.61 -10.28 -21.52
CA THR B 252 -1.40 -9.96 -22.26
C THR B 252 -0.68 -8.77 -21.65
N GLN B 253 -1.44 -7.78 -21.15
CA GLN B 253 -0.83 -6.64 -20.49
C GLN B 253 -0.13 -7.07 -19.20
N LEU B 254 -0.76 -7.94 -18.41
CA LEU B 254 -0.12 -8.45 -17.21
C LEU B 254 1.16 -9.20 -17.55
N ALA B 255 1.13 -10.03 -18.59
CA ALA B 255 2.33 -10.74 -19.02
C ALA B 255 3.44 -9.76 -19.38
N HIS B 256 3.10 -8.69 -20.10
CA HIS B 256 4.11 -7.72 -20.48
C HIS B 256 4.73 -7.04 -19.27
N LEU B 257 3.92 -6.73 -18.26
CA LEU B 257 4.42 -6.02 -17.09
C LEU B 257 5.40 -6.86 -16.29
N VAL B 258 5.29 -8.18 -16.35
CA VAL B 258 6.21 -9.07 -15.64
C VAL B 258 7.27 -9.66 -16.56
N GLY B 259 7.41 -9.12 -17.78
CA GLY B 259 8.47 -9.55 -18.66
C GLY B 259 8.17 -10.75 -19.53
N CYS B 260 6.91 -10.97 -19.88
CA CYS B 260 6.51 -12.09 -20.73
C CYS B 260 5.89 -11.54 -22.01
N PRO B 261 6.38 -11.91 -23.21
CA PRO B 261 7.51 -12.82 -23.44
C PRO B 261 8.87 -12.18 -23.14
N PRO B 262 9.89 -13.01 -22.88
CA PRO B 262 11.23 -12.49 -22.54
C PRO B 262 11.71 -11.38 -23.46
N GLY B 263 11.76 -11.65 -24.77
CA GLY B 263 12.26 -10.68 -25.71
C GLY B 263 12.97 -11.32 -26.89
N GLY B 264 12.32 -11.35 -28.04
CA GLY B 264 12.85 -11.99 -29.23
C GLY B 264 12.20 -13.31 -29.58
N THR B 265 11.24 -13.78 -28.78
CA THR B 265 10.53 -15.02 -29.03
C THR B 265 9.06 -14.71 -29.30
N GLY B 266 8.34 -15.76 -29.71
CA GLY B 266 6.93 -15.63 -30.02
C GLY B 266 6.10 -15.29 -28.79
N GLY B 267 4.81 -15.07 -29.02
CA GLY B 267 3.90 -14.70 -27.96
C GLY B 267 2.56 -15.40 -28.01
N ASN B 268 2.54 -16.65 -28.48
CA ASN B 268 1.29 -17.39 -28.49
C ASN B 268 0.90 -17.75 -27.05
N ASP B 269 -0.31 -18.32 -26.92
CA ASP B 269 -0.86 -18.54 -25.59
C ASP B 269 -0.06 -19.58 -24.80
N THR B 270 0.48 -20.59 -25.47
CA THR B 270 1.26 -21.60 -24.76
C THR B 270 2.55 -21.02 -24.18
N GLU B 271 3.27 -20.23 -24.99
CA GLU B 271 4.51 -19.63 -24.50
C GLU B 271 4.22 -18.55 -23.45
N LEU B 272 3.13 -17.80 -23.62
CA LEU B 272 2.84 -16.70 -22.71
C LEU B 272 2.45 -17.22 -21.33
N VAL B 273 1.65 -18.28 -21.28
CA VAL B 273 1.23 -18.82 -19.99
C VAL B 273 2.40 -19.54 -19.31
N ALA B 274 3.23 -20.23 -20.10
CA ALA B 274 4.40 -20.88 -19.53
C ALA B 274 5.33 -19.88 -18.87
N CYS B 275 5.48 -18.70 -19.48
CA CYS B 275 6.29 -17.65 -18.86
C CYS B 275 5.64 -17.13 -17.58
N LEU B 276 4.30 -17.03 -17.59
CA LEU B 276 3.61 -16.58 -16.38
C LEU B 276 3.73 -17.58 -15.24
N ARG B 277 3.89 -18.87 -15.57
CA ARG B 277 4.00 -19.87 -14.51
C ARG B 277 5.34 -19.80 -13.79
N THR B 278 6.39 -19.33 -14.46
CA THR B 278 7.69 -19.23 -13.82
C THR B 278 7.80 -18.04 -12.88
N ARG B 279 6.85 -17.11 -12.93
CA ARG B 279 6.89 -15.92 -12.09
C ARG B 279 6.41 -16.23 -10.69
N PRO B 280 7.02 -15.64 -9.65
CA PRO B 280 6.48 -15.77 -8.30
C PRO B 280 5.08 -15.19 -8.22
N ALA B 281 4.27 -15.75 -7.32
CA ALA B 281 2.87 -15.35 -7.25
C ALA B 281 2.72 -13.89 -6.84
N GLN B 282 3.56 -13.42 -5.91
CA GLN B 282 3.45 -12.04 -5.46
C GLN B 282 3.74 -11.05 -6.59
N VAL B 283 4.62 -11.43 -7.52
CA VAL B 283 4.94 -10.54 -8.63
C VAL B 283 3.70 -10.29 -9.50
N LEU B 284 2.91 -11.33 -9.75
CA LEU B 284 1.68 -11.15 -10.51
C LEU B 284 0.69 -10.26 -9.75
N VAL B 285 0.62 -10.42 -8.43
CA VAL B 285 -0.31 -9.62 -7.63
C VAL B 285 0.06 -8.14 -7.70
N ASN B 286 1.37 -7.85 -7.77
CA ASN B 286 1.83 -6.47 -7.69
C ASN B 286 1.44 -5.64 -8.92
N HIS B 287 1.05 -6.28 -10.02
CA HIS B 287 0.74 -5.56 -11.25
C HIS B 287 -0.71 -5.76 -11.69
N GLU B 288 -1.56 -6.25 -10.78
CA GLU B 288 -2.94 -6.56 -11.15
C GLU B 288 -3.72 -5.30 -11.50
N TRP B 289 -3.55 -4.23 -10.71
CA TRP B 289 -4.32 -3.00 -10.93
C TRP B 289 -3.84 -2.19 -12.12
N HIS B 290 -2.68 -2.51 -12.68
CA HIS B 290 -2.11 -1.74 -13.78
C HIS B 290 -2.63 -2.16 -15.15
N VAL B 291 -3.67 -3.01 -15.20
CA VAL B 291 -4.19 -3.50 -16.47
C VAL B 291 -5.62 -3.04 -16.74
N LEU B 292 -6.23 -2.29 -15.82
CA LEU B 292 -7.57 -1.79 -16.07
C LEU B 292 -7.54 -0.73 -17.18
N PRO B 293 -8.62 -0.61 -17.96
CA PRO B 293 -8.59 0.29 -19.11
C PRO B 293 -8.42 1.77 -18.74
N GLN B 294 -9.00 2.21 -17.63
CA GLN B 294 -8.91 3.62 -17.26
C GLN B 294 -9.21 3.75 -15.77
N GLU B 295 -9.12 4.99 -15.27
CA GLU B 295 -9.44 5.30 -13.89
C GLU B 295 -10.92 5.07 -13.63
N SER B 296 -11.23 4.38 -12.53
CA SER B 296 -12.60 4.00 -12.24
C SER B 296 -12.69 3.51 -10.80
N VAL B 297 -13.92 3.26 -10.35
CA VAL B 297 -14.18 2.53 -9.12
C VAL B 297 -15.16 1.41 -9.45
N PHE B 298 -15.15 0.37 -8.62
CA PHE B 298 -16.01 -0.79 -8.79
C PHE B 298 -15.74 -1.49 -10.12
N ARG B 299 -14.47 -1.55 -10.51
CA ARG B 299 -14.03 -2.30 -11.68
C ARG B 299 -12.82 -3.13 -11.29
N PHE B 300 -12.80 -4.39 -11.74
CA PHE B 300 -11.79 -5.34 -11.32
C PHE B 300 -11.17 -6.00 -12.54
N SER B 301 -9.88 -6.33 -12.41
CA SER B 301 -9.08 -6.70 -13.58
C SER B 301 -9.48 -8.08 -14.11
N PHE B 302 -9.46 -9.08 -13.24
CA PHE B 302 -9.67 -10.48 -13.66
C PHE B 302 -10.96 -10.98 -13.04
N VAL B 303 -11.98 -11.16 -13.88
CA VAL B 303 -13.32 -11.52 -13.46
C VAL B 303 -13.80 -12.64 -14.37
N PRO B 304 -14.92 -13.32 -14.05
CA PRO B 304 -15.44 -14.35 -14.95
C PRO B 304 -15.57 -13.84 -16.39
N VAL B 305 -15.15 -14.68 -17.33
CA VAL B 305 -15.16 -14.35 -18.75
C VAL B 305 -16.32 -15.09 -19.40
N VAL B 306 -16.96 -14.44 -20.37
CA VAL B 306 -18.02 -15.06 -21.16
C VAL B 306 -17.38 -15.65 -22.41
N ASP B 307 -17.30 -16.98 -22.46
CA ASP B 307 -16.61 -17.65 -23.56
C ASP B 307 -17.38 -18.84 -24.11
N GLY B 308 -18.61 -19.07 -23.65
CA GLY B 308 -19.40 -20.18 -24.13
C GLY B 308 -19.22 -21.48 -23.38
N ASP B 309 -18.29 -21.54 -22.43
CA ASP B 309 -18.05 -22.76 -21.67
C ASP B 309 -18.84 -22.72 -20.36
N PHE B 310 -18.30 -22.09 -19.33
CA PHE B 310 -19.02 -21.98 -18.06
C PHE B 310 -20.32 -21.21 -18.23
N LEU B 311 -20.30 -20.14 -19.02
CA LEU B 311 -21.49 -19.38 -19.38
C LEU B 311 -21.64 -19.47 -20.90
N SER B 312 -22.67 -20.18 -21.35
CA SER B 312 -22.89 -20.33 -22.79
C SER B 312 -23.24 -19.00 -23.46
N ASP B 313 -23.66 -18.01 -22.69
CA ASP B 313 -23.93 -16.67 -23.19
C ASP B 313 -23.70 -15.69 -22.04
N THR B 314 -23.98 -14.42 -22.29
CA THR B 314 -23.87 -13.43 -21.23
C THR B 314 -24.89 -13.73 -20.13
N PRO B 315 -24.60 -13.36 -18.88
CA PRO B 315 -25.60 -13.53 -17.82
C PRO B 315 -26.93 -12.87 -18.15
N GLU B 316 -26.91 -11.67 -18.75
CA GLU B 316 -28.16 -10.99 -19.11
C GLU B 316 -28.97 -11.85 -20.07
N ALA B 317 -28.32 -12.40 -21.10
CA ALA B 317 -29.03 -13.23 -22.07
C ALA B 317 -29.57 -14.51 -21.42
N LEU B 318 -28.77 -15.14 -20.56
CA LEU B 318 -29.22 -16.37 -19.91
C LEU B 318 -30.34 -16.09 -18.91
N ILE B 319 -30.27 -14.95 -18.21
CA ILE B 319 -31.32 -14.58 -17.28
C ILE B 319 -32.64 -14.36 -18.02
N ASN B 320 -32.57 -13.79 -19.22
CA ASN B 320 -33.78 -13.52 -19.99
C ASN B 320 -34.43 -14.80 -20.49
N ALA B 321 -33.63 -15.69 -21.09
CA ALA B 321 -34.13 -16.92 -21.68
C ALA B 321 -34.22 -18.07 -20.69
N GLY B 322 -34.15 -17.79 -19.39
CA GLY B 322 -34.12 -18.84 -18.39
C GLY B 322 -35.50 -19.18 -17.85
N ASP B 323 -35.74 -20.48 -17.67
CA ASP B 323 -36.94 -20.96 -17.00
C ASP B 323 -36.57 -21.30 -15.56
N PHE B 324 -37.13 -20.56 -14.61
CA PHE B 324 -36.75 -20.67 -13.21
C PHE B 324 -37.88 -21.22 -12.34
N HIS B 325 -38.73 -22.08 -12.89
CA HIS B 325 -39.82 -22.66 -12.10
C HIS B 325 -39.25 -23.66 -11.10
N GLY B 326 -39.73 -23.56 -9.85
CA GLY B 326 -39.27 -24.41 -8.79
C GLY B 326 -38.13 -23.85 -7.96
N LEU B 327 -37.56 -22.72 -8.36
CA LEU B 327 -36.42 -22.11 -7.68
C LEU B 327 -36.90 -21.01 -6.74
N GLN B 328 -36.34 -21.01 -5.53
CA GLN B 328 -36.58 -19.95 -4.55
C GLN B 328 -35.30 -19.14 -4.39
N VAL B 329 -35.42 -17.81 -4.44
CA VAL B 329 -34.27 -16.92 -4.38
C VAL B 329 -34.55 -15.81 -3.39
N LEU B 330 -33.54 -15.48 -2.59
CA LEU B 330 -33.57 -14.33 -1.70
C LEU B 330 -32.51 -13.33 -2.17
N VAL B 331 -32.93 -12.11 -2.47
CA VAL B 331 -32.05 -11.06 -2.96
C VAL B 331 -32.22 -9.83 -2.08
N GLY B 332 -31.21 -8.96 -2.13
CA GLY B 332 -31.28 -7.73 -1.37
C GLY B 332 -30.02 -6.92 -1.54
N VAL B 333 -30.04 -5.72 -0.94
CA VAL B 333 -28.95 -4.76 -1.01
C VAL B 333 -28.91 -4.01 0.32
N VAL B 334 -27.85 -3.24 0.52
CA VAL B 334 -27.72 -2.38 1.67
C VAL B 334 -28.20 -0.98 1.30
N LYS B 335 -28.33 -0.12 2.31
CA LYS B 335 -28.92 1.20 2.07
C LYS B 335 -28.00 2.11 1.27
N ASP B 336 -26.67 1.92 1.36
CA ASP B 336 -25.71 2.83 0.72
C ASP B 336 -24.62 1.98 0.04
N GLU B 337 -24.96 1.39 -1.10
CA GLU B 337 -24.05 0.46 -1.76
C GLU B 337 -22.79 1.16 -2.24
N GLY B 338 -22.93 2.28 -2.93
CA GLY B 338 -21.80 2.92 -3.58
C GLY B 338 -21.01 3.88 -2.73
N SER B 339 -21.31 4.00 -1.44
CA SER B 339 -20.74 5.08 -0.65
C SER B 339 -19.23 4.90 -0.45
N TYR B 340 -18.80 3.72 -0.01
CA TYR B 340 -17.39 3.57 0.35
C TYR B 340 -16.49 3.59 -0.88
N PHE B 341 -17.01 3.19 -2.04
CA PHE B 341 -16.19 3.16 -3.24
C PHE B 341 -15.68 4.54 -3.64
N LEU B 342 -16.32 5.61 -3.16
CA LEU B 342 -16.00 6.95 -3.64
C LEU B 342 -14.65 7.43 -3.14
N VAL B 343 -14.18 6.94 -2.00
CA VAL B 343 -12.89 7.37 -1.46
C VAL B 343 -11.76 6.58 -2.11
N TYR B 344 -12.11 5.77 -3.11
CA TYR B 344 -11.15 4.97 -3.85
C TYR B 344 -10.97 5.45 -5.29
N GLY B 345 -11.28 6.71 -5.57
CA GLY B 345 -11.10 7.22 -6.91
C GLY B 345 -11.80 8.53 -7.25
N ALA B 346 -12.93 8.78 -6.62
CA ALA B 346 -13.72 9.97 -6.95
C ALA B 346 -13.06 11.20 -6.35
N PRO B 347 -12.89 12.28 -7.12
CA PRO B 347 -12.18 13.45 -6.60
C PRO B 347 -12.97 14.17 -5.52
N GLY B 348 -12.24 14.74 -4.56
CA GLY B 348 -12.83 15.45 -3.45
C GLY B 348 -13.27 14.58 -2.29
N PHE B 349 -13.15 13.26 -2.40
CA PHE B 349 -13.65 12.35 -1.37
C PHE B 349 -12.53 11.92 -0.43
N SER B 350 -12.86 11.85 0.85
CA SER B 350 -11.94 11.40 1.89
C SER B 350 -12.75 10.80 3.02
N LYS B 351 -12.32 9.64 3.53
CA LYS B 351 -13.05 9.04 4.64
C LYS B 351 -12.85 9.79 5.94
N ASP B 352 -11.90 10.71 5.99
CA ASP B 352 -11.59 11.45 7.21
C ASP B 352 -12.13 12.88 7.19
N ASN B 353 -13.00 13.22 6.23
CA ASN B 353 -13.76 14.46 6.30
C ASN B 353 -15.18 14.17 5.81
N GLU B 354 -15.96 15.22 5.60
CA GLU B 354 -17.35 15.04 5.21
C GLU B 354 -17.54 14.82 3.72
N SER B 355 -16.47 14.97 2.92
CA SER B 355 -16.52 14.75 1.47
C SER B 355 -17.59 15.62 0.81
N LEU B 356 -17.73 16.86 1.28
CA LEU B 356 -18.68 17.82 0.71
C LEU B 356 -18.12 18.31 -0.63
N ILE B 357 -18.38 17.53 -1.67
CA ILE B 357 -17.78 17.80 -2.97
C ILE B 357 -18.50 18.97 -3.64
N SER B 358 -17.78 19.60 -4.58
CA SER B 358 -18.34 20.66 -5.38
C SER B 358 -19.03 20.08 -6.61
N ARG B 359 -19.72 20.96 -7.34
CA ARG B 359 -20.39 20.55 -8.57
C ARG B 359 -19.37 20.04 -9.59
N ALA B 360 -18.22 20.70 -9.71
CA ALA B 360 -17.20 20.27 -10.65
C ALA B 360 -16.67 18.88 -10.29
N GLU B 361 -16.48 18.61 -9.00
CA GLU B 361 -16.02 17.31 -8.57
C GLU B 361 -17.08 16.23 -8.81
N PHE B 362 -18.36 16.58 -8.68
CA PHE B 362 -19.42 15.63 -8.98
C PHE B 362 -19.42 15.27 -10.47
N LEU B 363 -19.27 16.25 -11.34
CA LEU B 363 -19.28 15.98 -12.78
C LEU B 363 -18.10 15.11 -13.18
N ALA B 364 -16.93 15.32 -12.56
CA ALA B 364 -15.78 14.47 -12.85
C ALA B 364 -15.93 13.09 -12.22
N GLY B 365 -16.50 13.04 -11.01
CA GLY B 365 -16.68 11.76 -10.35
C GLY B 365 -17.63 10.83 -11.09
N VAL B 366 -18.60 11.39 -11.82
CA VAL B 366 -19.51 10.56 -12.60
C VAL B 366 -18.74 9.77 -13.65
N ARG B 367 -17.71 10.39 -14.23
CA ARG B 367 -16.91 9.69 -15.22
C ARG B 367 -16.07 8.60 -14.58
N VAL B 368 -15.73 8.74 -13.30
CA VAL B 368 -15.00 7.70 -12.59
C VAL B 368 -15.94 6.59 -12.14
N GLY B 369 -17.12 6.95 -11.62
CA GLY B 369 -18.13 5.99 -11.24
C GLY B 369 -18.83 5.30 -12.39
N VAL B 370 -18.86 5.92 -13.57
CA VAL B 370 -19.46 5.30 -14.75
C VAL B 370 -18.43 5.35 -15.88
N PRO B 371 -17.43 4.48 -15.88
CA PRO B 371 -16.36 4.57 -16.88
C PRO B 371 -16.79 3.99 -18.22
N GLN B 372 -16.10 4.45 -19.27
CA GLN B 372 -16.25 3.94 -20.63
C GLN B 372 -17.62 4.22 -21.22
N VAL B 373 -18.29 5.29 -20.79
CA VAL B 373 -19.52 5.74 -21.42
C VAL B 373 -19.25 7.05 -22.14
N SER B 374 -20.05 7.31 -23.17
CA SER B 374 -19.87 8.52 -23.97
C SER B 374 -20.20 9.77 -23.17
N ASP B 375 -19.80 10.92 -23.71
CA ASP B 375 -20.13 12.19 -23.09
C ASP B 375 -21.64 12.38 -22.99
N LEU B 376 -22.37 12.00 -24.03
CA LEU B 376 -23.83 12.13 -24.00
C LEU B 376 -24.44 11.24 -22.92
N ALA B 377 -23.91 10.02 -22.76
CA ALA B 377 -24.40 9.14 -21.71
C ALA B 377 -24.16 9.73 -20.33
N ALA B 378 -22.98 10.33 -20.12
CA ALA B 378 -22.71 10.98 -18.84
C ALA B 378 -23.67 12.14 -18.60
N GLU B 379 -24.06 12.86 -19.65
CA GLU B 379 -25.05 13.92 -19.49
C GLU B 379 -26.38 13.36 -19.01
N ALA B 380 -26.76 12.18 -19.53
CA ALA B 380 -28.00 11.55 -19.09
C ALA B 380 -27.92 11.13 -17.63
N VAL B 381 -26.76 10.65 -17.18
CA VAL B 381 -26.61 10.30 -15.77
C VAL B 381 -26.70 11.55 -14.91
N VAL B 382 -26.01 12.62 -15.31
CA VAL B 382 -26.05 13.87 -14.56
C VAL B 382 -27.47 14.43 -14.54
N LEU B 383 -28.20 14.29 -15.65
CA LEU B 383 -29.57 14.78 -15.69
C LEU B 383 -30.44 14.06 -14.66
N HIS B 384 -30.33 12.74 -14.57
CA HIS B 384 -31.22 11.99 -13.69
C HIS B 384 -30.86 12.21 -12.23
N TYR B 385 -29.57 12.29 -11.90
CA TYR B 385 -29.13 12.30 -10.52
C TYR B 385 -28.93 13.70 -9.94
N THR B 386 -28.99 14.74 -10.77
CA THR B 386 -28.95 16.10 -10.26
C THR B 386 -30.32 16.51 -9.74
N ASP B 387 -30.35 17.08 -8.54
CA ASP B 387 -31.54 17.75 -8.04
C ASP B 387 -31.48 19.20 -8.52
N TRP B 388 -32.32 19.54 -9.48
CA TRP B 388 -32.22 20.82 -10.15
C TRP B 388 -32.80 21.97 -9.34
N LEU B 389 -33.37 21.70 -8.16
CA LEU B 389 -33.66 22.75 -7.20
C LEU B 389 -32.46 23.06 -6.30
N HIS B 390 -31.50 22.14 -6.20
CA HIS B 390 -30.25 22.37 -5.46
C HIS B 390 -29.12 21.70 -6.21
N PRO B 391 -28.80 22.18 -7.42
CA PRO B 391 -27.83 21.46 -8.26
C PRO B 391 -26.40 21.52 -7.77
N GLU B 392 -26.09 22.37 -6.77
CA GLU B 392 -24.73 22.50 -6.30
C GLU B 392 -24.62 22.33 -4.80
N ASP B 393 -25.62 21.75 -4.16
CA ASP B 393 -25.55 21.47 -2.73
C ASP B 393 -24.58 20.34 -2.48
N PRO B 394 -23.49 20.56 -1.74
CA PRO B 394 -22.45 19.51 -1.63
C PRO B 394 -22.95 18.21 -1.04
N ALA B 395 -23.76 18.25 0.01
CA ALA B 395 -24.25 17.02 0.63
C ALA B 395 -25.14 16.23 -0.33
N ARG B 396 -25.98 16.91 -1.10
CA ARG B 396 -26.83 16.21 -2.06
C ARG B 396 -25.99 15.63 -3.20
N LEU B 397 -24.95 16.34 -3.62
CA LEU B 397 -24.10 15.83 -4.69
C LEU B 397 -23.31 14.61 -4.22
N ARG B 398 -22.85 14.63 -2.98
CA ARG B 398 -22.13 13.48 -2.42
C ARG B 398 -23.03 12.25 -2.37
N GLU B 399 -24.25 12.41 -1.86
CA GLU B 399 -25.21 11.30 -1.85
C GLU B 399 -25.60 10.89 -3.26
N ALA B 400 -25.65 11.83 -4.21
CA ALA B 400 -26.04 11.50 -5.57
C ALA B 400 -24.99 10.61 -6.24
N LEU B 401 -23.72 10.95 -6.09
CA LEU B 401 -22.66 10.12 -6.68
C LEU B 401 -22.61 8.75 -6.02
N SER B 402 -22.90 8.67 -4.72
CA SER B 402 -23.06 7.37 -4.08
C SER B 402 -24.19 6.58 -4.74
N ASP B 403 -25.32 7.23 -5.00
CA ASP B 403 -26.42 6.56 -5.69
C ASP B 403 -26.03 6.17 -7.11
N VAL B 404 -25.24 7.01 -7.79
CA VAL B 404 -24.80 6.68 -9.14
C VAL B 404 -24.01 5.37 -9.13
N VAL B 405 -23.02 5.26 -8.26
CA VAL B 405 -22.18 4.06 -8.22
C VAL B 405 -22.99 2.87 -7.74
N GLY B 406 -23.84 3.05 -6.73
CA GLY B 406 -24.55 1.93 -6.15
C GLY B 406 -25.65 1.39 -7.05
N ASP B 407 -26.43 2.27 -7.67
CA ASP B 407 -27.49 1.83 -8.56
C ASP B 407 -26.91 1.17 -9.80
N HIS B 408 -25.84 1.76 -10.37
CA HIS B 408 -25.26 1.25 -11.60
C HIS B 408 -24.63 -0.12 -11.40
N ASN B 409 -24.01 -0.35 -10.24
CA ASN B 409 -23.25 -1.58 -10.01
C ASN B 409 -24.03 -2.65 -9.26
N VAL B 410 -24.92 -2.28 -8.33
CA VAL B 410 -25.53 -3.29 -7.47
C VAL B 410 -27.06 -3.27 -7.55
N VAL B 411 -27.68 -2.14 -7.21
CA VAL B 411 -29.12 -2.11 -7.00
C VAL B 411 -29.88 -2.45 -8.28
N CYS B 412 -29.52 -1.78 -9.38
CA CYS B 412 -30.24 -2.03 -10.63
C CYS B 412 -29.89 -3.37 -11.27
N PRO B 413 -28.65 -3.85 -11.21
CA PRO B 413 -28.42 -5.25 -11.64
C PRO B 413 -29.21 -6.26 -10.82
N VAL B 414 -29.27 -6.08 -9.50
CA VAL B 414 -30.05 -6.98 -8.66
C VAL B 414 -31.54 -6.85 -8.96
N ALA B 415 -32.02 -5.61 -9.08
CA ALA B 415 -33.45 -5.40 -9.34
C ALA B 415 -33.88 -6.04 -10.65
N GLN B 416 -33.04 -5.98 -11.68
CA GLN B 416 -33.39 -6.62 -12.94
C GLN B 416 -33.44 -8.13 -12.80
N LEU B 417 -32.45 -8.71 -12.13
CA LEU B 417 -32.43 -10.16 -11.93
C LEU B 417 -33.65 -10.64 -11.15
N ALA B 418 -33.96 -9.95 -10.04
CA ALA B 418 -35.11 -10.34 -9.23
C ALA B 418 -36.41 -10.25 -10.02
N GLY B 419 -36.54 -9.24 -10.89
CA GLY B 419 -37.74 -9.11 -11.68
C GLY B 419 -37.86 -10.20 -12.74
N ARG B 420 -36.76 -10.50 -13.43
CA ARG B 420 -36.80 -11.56 -14.44
C ARG B 420 -37.01 -12.92 -13.80
N LEU B 421 -36.42 -13.14 -12.62
CA LEU B 421 -36.62 -14.42 -11.93
C LEU B 421 -38.07 -14.59 -11.50
N ALA B 422 -38.68 -13.55 -10.94
CA ALA B 422 -40.06 -13.65 -10.48
C ALA B 422 -41.01 -13.84 -11.66
N ALA B 423 -40.83 -13.06 -12.71
CA ALA B 423 -41.70 -13.13 -13.88
C ALA B 423 -41.41 -14.33 -14.77
N GLN B 424 -40.56 -15.28 -14.34
CA GLN B 424 -40.25 -16.43 -15.19
C GLN B 424 -40.19 -17.72 -14.38
N GLY B 425 -40.86 -17.79 -13.22
CA GLY B 425 -41.11 -19.05 -12.54
C GLY B 425 -40.67 -19.07 -11.10
N ALA B 426 -39.67 -18.30 -10.75
CA ALA B 426 -39.07 -18.38 -9.42
C ALA B 426 -39.88 -17.56 -8.42
N ARG B 427 -39.84 -18.01 -7.17
CA ARG B 427 -40.36 -17.23 -6.05
C ARG B 427 -39.19 -16.47 -5.43
N VAL B 428 -39.31 -15.14 -5.41
CA VAL B 428 -38.23 -14.25 -5.01
C VAL B 428 -38.66 -13.45 -3.80
N TYR B 429 -37.74 -13.28 -2.85
CA TYR B 429 -37.93 -12.39 -1.72
C TYR B 429 -36.83 -11.33 -1.74
N ALA B 430 -37.21 -10.08 -1.45
CA ALA B 430 -36.28 -8.96 -1.56
C ALA B 430 -36.25 -8.18 -0.26
N TYR B 431 -35.08 -7.63 0.05
CA TYR B 431 -34.89 -6.85 1.27
C TYR B 431 -33.98 -5.67 0.97
N VAL B 432 -34.02 -4.69 1.87
CA VAL B 432 -33.06 -3.60 1.91
C VAL B 432 -32.57 -3.48 3.34
N PHE B 433 -31.26 -3.63 3.54
CA PHE B 433 -30.67 -3.59 4.88
C PHE B 433 -30.37 -2.15 5.24
N GLU B 434 -31.04 -1.64 6.28
CA GLU B 434 -30.98 -0.22 6.59
C GLU B 434 -30.43 0.09 7.98
N HIS B 435 -29.85 -0.90 8.66
CA HIS B 435 -29.25 -0.67 9.96
C HIS B 435 -27.75 -0.46 9.81
N ARG B 436 -27.26 0.67 10.32
CA ARG B 436 -25.83 0.93 10.39
C ARG B 436 -25.33 0.45 11.74
N ALA B 437 -24.34 -0.44 11.72
CA ALA B 437 -23.82 -1.03 12.94
C ALA B 437 -23.27 0.05 13.87
N SER B 438 -23.52 -0.11 15.18
CA SER B 438 -23.03 0.84 16.16
C SER B 438 -21.51 0.86 16.25
N THR B 439 -20.85 -0.21 15.81
CA THR B 439 -19.40 -0.33 15.86
C THR B 439 -18.74 0.08 14.54
N LEU B 440 -19.52 0.61 13.60
CA LEU B 440 -19.00 0.88 12.26
C LEU B 440 -17.97 1.99 12.29
N SER B 441 -16.78 1.70 11.76
CA SER B 441 -15.66 2.63 11.82
C SER B 441 -15.61 3.58 10.63
N TRP B 442 -16.29 3.27 9.53
CA TRP B 442 -16.35 4.17 8.41
C TRP B 442 -17.10 5.44 8.80
N PRO B 443 -16.88 6.55 8.09
CA PRO B 443 -17.56 7.81 8.43
C PRO B 443 -19.07 7.67 8.38
N LEU B 444 -19.74 8.63 9.04
CA LEU B 444 -21.19 8.59 9.14
C LEU B 444 -21.87 8.85 7.80
N TRP B 445 -21.26 9.67 6.94
CA TRP B 445 -21.90 9.99 5.67
C TRP B 445 -21.96 8.79 4.73
N MET B 446 -21.17 7.75 4.98
CA MET B 446 -21.27 6.55 4.16
C MET B 446 -22.52 5.73 4.47
N GLY B 447 -23.24 6.04 5.55
CA GLY B 447 -24.40 5.29 5.97
C GLY B 447 -24.21 3.81 6.24
N VAL B 448 -24.83 2.98 5.42
CA VAL B 448 -24.72 1.53 5.53
C VAL B 448 -23.93 1.04 4.33
N PRO B 449 -22.61 0.97 4.42
CA PRO B 449 -21.80 0.71 3.23
C PRO B 449 -21.92 -0.72 2.75
N HIS B 450 -21.44 -0.94 1.53
CA HIS B 450 -21.38 -2.22 0.87
C HIS B 450 -20.68 -3.27 1.74
N GLY B 451 -21.42 -4.28 2.18
CA GLY B 451 -20.85 -5.41 2.89
C GLY B 451 -21.10 -5.45 4.38
N TYR B 452 -21.78 -4.45 4.96
CA TYR B 452 -21.90 -4.36 6.40
C TYR B 452 -23.24 -4.88 6.93
N GLU B 453 -23.90 -5.74 6.16
CA GLU B 453 -24.95 -6.60 6.70
C GLU B 453 -24.44 -7.99 7.04
N ILE B 454 -23.24 -8.35 6.55
CA ILE B 454 -22.75 -9.72 6.70
C ILE B 454 -22.59 -10.08 8.17
N GLU B 455 -22.00 -9.18 8.97
CA GLU B 455 -21.77 -9.46 10.37
C GLU B 455 -23.08 -9.72 11.12
N PHE B 456 -24.19 -9.14 10.66
CA PHE B 456 -25.47 -9.42 11.31
C PHE B 456 -26.08 -10.73 10.83
N ILE B 457 -25.85 -11.09 9.57
CA ILE B 457 -26.34 -12.38 9.07
C ILE B 457 -25.62 -13.54 9.77
N PHE B 458 -24.34 -13.37 10.09
CA PHE B 458 -23.54 -14.42 10.72
C PHE B 458 -23.62 -14.38 12.25
N GLY B 459 -24.47 -13.53 12.83
CA GLY B 459 -24.61 -13.48 14.27
C GLY B 459 -23.39 -12.98 15.01
N ILE B 460 -22.53 -12.21 14.33
CA ILE B 460 -21.33 -11.68 15.00
C ILE B 460 -21.65 -10.85 16.23
N PRO B 461 -22.74 -10.05 16.28
CA PRO B 461 -23.02 -9.31 17.52
C PRO B 461 -23.15 -10.18 18.76
N LEU B 462 -23.41 -11.48 18.61
CA LEU B 462 -23.51 -12.34 19.77
C LEU B 462 -22.16 -12.60 20.44
N ASP B 463 -21.06 -12.34 19.75
CA ASP B 463 -19.73 -12.49 20.31
C ASP B 463 -19.57 -11.57 21.51
N PRO B 464 -19.39 -12.11 22.72
CA PRO B 464 -19.30 -11.24 23.90
C PRO B 464 -18.06 -10.36 23.94
N SER B 465 -17.02 -10.69 23.16
CA SER B 465 -15.83 -9.84 23.11
C SER B 465 -16.06 -8.58 22.27
N ARG B 466 -17.20 -8.48 21.58
CA ARG B 466 -17.55 -7.30 20.80
C ARG B 466 -18.45 -6.38 21.63
N ASN B 467 -18.65 -5.17 21.12
CA ASN B 467 -19.42 -4.17 21.86
C ASN B 467 -20.68 -3.77 21.10
N TYR B 468 -21.44 -4.75 20.63
CA TYR B 468 -22.73 -4.45 20.03
C TYR B 468 -23.77 -4.22 21.12
N THR B 469 -24.82 -3.48 20.76
CA THR B 469 -25.91 -3.22 21.68
C THR B 469 -26.83 -4.44 21.80
N ALA B 470 -27.65 -4.42 22.85
CA ALA B 470 -28.59 -5.53 23.07
C ALA B 470 -29.62 -5.62 21.96
N GLU B 471 -30.01 -4.48 21.37
CA GLU B 471 -30.95 -4.49 20.26
C GLU B 471 -30.32 -5.11 19.02
N GLU B 472 -29.02 -4.89 18.81
CA GLU B 472 -28.36 -5.47 17.65
C GLU B 472 -28.21 -6.99 17.79
N LYS B 473 -28.09 -7.49 19.02
CA LYS B 473 -28.06 -8.93 19.22
C LYS B 473 -29.40 -9.55 18.87
N ILE B 474 -30.50 -8.96 19.35
CA ILE B 474 -31.83 -9.42 18.96
C ILE B 474 -32.02 -9.33 17.46
N PHE B 475 -31.56 -8.22 16.86
CA PHE B 475 -31.69 -8.03 15.42
C PHE B 475 -30.95 -9.11 14.65
N ALA B 476 -29.74 -9.47 15.09
CA ALA B 476 -29.00 -10.55 14.43
C ALA B 476 -29.74 -11.87 14.53
N GLN B 477 -30.43 -12.13 15.65
CA GLN B 477 -31.18 -13.37 15.78
C GLN B 477 -32.39 -13.39 14.85
N ARG B 478 -33.00 -12.24 14.58
CA ARG B 478 -34.06 -12.17 13.58
C ARG B 478 -33.53 -12.55 12.20
N LEU B 479 -32.40 -11.95 11.81
CA LEU B 479 -31.87 -12.18 10.46
C LEU B 479 -31.41 -13.62 10.28
N MET B 480 -30.75 -14.19 11.29
CA MET B 480 -30.37 -15.60 11.22
C MET B 480 -31.61 -16.49 11.09
N ARG B 481 -32.70 -16.11 11.76
CA ARG B 481 -33.95 -16.86 11.61
C ARG B 481 -34.49 -16.71 10.19
N TYR B 482 -34.47 -15.49 9.64
CA TYR B 482 -34.90 -15.30 8.26
C TYR B 482 -34.10 -16.17 7.30
N TRP B 483 -32.77 -16.09 7.37
CA TRP B 483 -31.92 -16.83 6.45
C TRP B 483 -32.08 -18.34 6.64
N ALA B 484 -32.17 -18.80 7.89
CA ALA B 484 -32.31 -20.24 8.12
C ALA B 484 -33.67 -20.75 7.66
N ASN B 485 -34.74 -20.01 7.95
CA ASN B 485 -36.06 -20.40 7.46
C ASN B 485 -36.05 -20.54 5.93
N PHE B 486 -35.43 -19.58 5.23
CA PHE B 486 -35.33 -19.69 3.78
C PHE B 486 -34.52 -20.91 3.37
N ALA B 487 -33.46 -21.23 4.12
CA ALA B 487 -32.70 -22.43 3.84
C ALA B 487 -33.53 -23.68 4.10
N ARG B 488 -34.34 -23.67 5.16
CA ARG B 488 -35.14 -24.83 5.52
C ARG B 488 -36.32 -25.03 4.58
N THR B 489 -37.13 -23.99 4.40
CA THR B 489 -38.40 -24.11 3.68
C THR B 489 -38.48 -23.31 2.40
N GLY B 490 -37.45 -22.54 2.05
CA GLY B 490 -37.56 -21.67 0.90
C GLY B 490 -38.40 -20.43 1.14
N ASP B 491 -38.74 -20.15 2.38
CA ASP B 491 -39.60 -19.03 2.75
C ASP B 491 -39.01 -18.38 3.99
N PRO B 492 -38.59 -17.11 3.92
CA PRO B 492 -38.01 -16.45 5.10
C PRO B 492 -39.00 -16.27 6.24
N ASN B 493 -40.29 -16.27 5.96
CA ASN B 493 -41.29 -16.19 7.01
C ASN B 493 -41.25 -17.44 7.88
N GLU B 494 -41.65 -17.28 9.14
CA GLU B 494 -41.68 -18.40 10.06
C GLU B 494 -42.59 -19.50 9.51
N PRO B 495 -42.31 -20.77 9.82
CA PRO B 495 -43.19 -21.86 9.35
C PRO B 495 -44.65 -21.65 9.70
N ARG B 496 -44.95 -21.02 10.84
CA ARG B 496 -46.32 -20.69 11.20
C ARG B 496 -46.27 -19.61 12.28
N ASP B 497 -46.42 -18.35 11.88
CA ASP B 497 -46.43 -17.25 12.83
C ASP B 497 -47.03 -16.01 12.19
N PRO B 498 -48.35 -15.94 12.02
CA PRO B 498 -48.97 -14.72 11.48
C PRO B 498 -48.95 -13.55 12.44
N LYS B 499 -48.50 -13.74 13.68
CA LYS B 499 -48.40 -12.64 14.63
C LYS B 499 -47.35 -11.63 14.18
N ALA B 500 -46.13 -12.10 13.89
CA ALA B 500 -45.08 -11.22 13.40
C ALA B 500 -45.39 -10.78 11.97
N PRO B 501 -44.95 -9.59 11.58
CA PRO B 501 -45.22 -9.10 10.22
C PRO B 501 -44.64 -10.04 9.17
N GLN B 502 -45.35 -10.13 8.04
CA GLN B 502 -45.00 -11.09 7.01
C GLN B 502 -44.10 -10.46 5.94
N TRP B 503 -43.45 -11.32 5.17
CA TRP B 503 -42.51 -10.92 4.14
C TRP B 503 -43.08 -11.33 2.79
N PRO B 504 -43.68 -10.42 2.05
CA PRO B 504 -44.34 -10.79 0.79
C PRO B 504 -43.31 -11.07 -0.30
N PRO B 505 -43.58 -12.04 -1.18
CA PRO B 505 -42.64 -12.33 -2.26
C PRO B 505 -42.49 -11.14 -3.21
N TYR B 506 -41.35 -11.13 -3.91
CA TYR B 506 -41.06 -10.09 -4.89
C TYR B 506 -41.62 -10.51 -6.24
N THR B 507 -42.41 -9.62 -6.85
CA THR B 507 -42.96 -9.85 -8.18
C THR B 507 -42.61 -8.68 -9.08
N ALA B 508 -42.54 -8.95 -10.38
CA ALA B 508 -42.17 -7.91 -11.33
C ALA B 508 -43.19 -6.78 -11.39
N GLY B 509 -44.43 -7.05 -10.98
CA GLY B 509 -45.46 -6.02 -10.99
C GLY B 509 -45.50 -5.20 -9.72
N ALA B 510 -45.69 -5.85 -8.57
CA ALA B 510 -45.80 -5.12 -7.32
C ALA B 510 -44.44 -4.68 -6.79
N GLN B 511 -43.39 -5.48 -7.00
CA GLN B 511 -42.01 -5.13 -6.64
C GLN B 511 -41.89 -4.84 -5.15
N GLN B 512 -42.49 -5.71 -4.34
CA GLN B 512 -42.49 -5.53 -2.90
C GLN B 512 -41.21 -6.07 -2.26
N TYR B 513 -40.71 -5.35 -1.26
CA TYR B 513 -39.56 -5.77 -0.47
C TYR B 513 -39.77 -5.30 0.95
N VAL B 514 -38.91 -5.77 1.84
CA VAL B 514 -39.01 -5.43 3.25
C VAL B 514 -37.75 -4.68 3.69
N SER B 515 -37.90 -3.89 4.75
CA SER B 515 -36.80 -3.15 5.35
C SER B 515 -36.26 -3.95 6.53
N LEU B 516 -34.96 -4.24 6.51
CA LEU B 516 -34.29 -4.97 7.58
C LEU B 516 -33.56 -3.96 8.46
N ASP B 517 -34.10 -3.72 9.65
CA ASP B 517 -33.49 -2.82 10.62
C ASP B 517 -34.02 -3.16 12.00
N LEU B 518 -33.68 -2.33 12.99
CA LEU B 518 -34.15 -2.57 14.35
C LEU B 518 -35.67 -2.54 14.44
N ARG B 519 -36.33 -1.78 13.56
CA ARG B 519 -37.79 -1.71 13.57
C ARG B 519 -38.38 -2.93 12.86
N PRO B 520 -39.56 -3.38 13.29
CA PRO B 520 -40.19 -4.54 12.67
C PRO B 520 -40.30 -4.37 11.15
N LEU B 521 -40.59 -5.49 10.48
CA LEU B 521 -40.63 -5.50 9.03
C LEU B 521 -41.62 -4.48 8.49
N GLU B 522 -41.19 -3.76 7.46
CA GLU B 522 -42.01 -2.78 6.77
C GLU B 522 -41.96 -3.07 5.28
N VAL B 523 -43.13 -3.20 4.66
CA VAL B 523 -43.23 -3.55 3.25
C VAL B 523 -43.15 -2.27 2.43
N ARG B 524 -42.30 -2.29 1.41
CA ARG B 524 -42.15 -1.17 0.49
C ARG B 524 -42.15 -1.70 -0.94
N ARG B 525 -42.34 -0.79 -1.89
CA ARG B 525 -42.50 -1.16 -3.30
C ARG B 525 -41.49 -0.41 -4.15
N GLY B 526 -40.77 -1.16 -4.99
CA GLY B 526 -39.85 -0.56 -5.94
C GLY B 526 -38.42 -0.42 -5.44
N LEU B 527 -37.49 -1.16 -6.06
CA LEU B 527 -36.07 -1.06 -5.75
C LEU B 527 -35.44 -0.05 -6.70
N ARG B 528 -35.56 1.23 -6.34
CA ARG B 528 -35.05 2.33 -7.16
C ARG B 528 -35.61 2.24 -8.58
N ALA B 529 -36.95 2.14 -8.66
CA ALA B 529 -37.61 1.85 -9.92
C ALA B 529 -37.35 2.94 -10.97
N GLN B 530 -37.34 4.21 -10.55
CA GLN B 530 -37.09 5.28 -11.51
C GLN B 530 -35.64 5.26 -11.97
N ALA B 531 -34.70 5.14 -11.04
CA ALA B 531 -33.29 5.12 -11.41
C ALA B 531 -32.96 3.88 -12.24
N CYS B 532 -33.52 2.74 -11.87
CA CYS B 532 -33.18 1.50 -12.57
C CYS B 532 -33.86 1.40 -13.93
N ALA B 533 -34.94 2.13 -14.16
CA ALA B 533 -35.47 2.25 -15.51
C ALA B 533 -34.51 3.00 -16.42
N PHE B 534 -33.78 3.97 -15.87
CA PHE B 534 -32.75 4.64 -16.66
C PHE B 534 -31.59 3.71 -16.98
N TRP B 535 -31.10 2.97 -15.98
CA TRP B 535 -29.95 2.10 -16.21
C TRP B 535 -30.32 0.90 -17.07
N ASN B 536 -31.45 0.25 -16.78
CA ASN B 536 -31.77 -1.01 -17.42
C ASN B 536 -32.53 -0.85 -18.73
N ARG B 537 -33.29 0.22 -18.91
CA ARG B 537 -34.10 0.38 -20.11
C ARG B 537 -33.57 1.43 -21.06
N PHE B 538 -33.33 2.66 -20.59
CA PHE B 538 -33.02 3.75 -21.50
C PHE B 538 -31.55 3.76 -21.91
N LEU B 539 -30.64 3.74 -20.93
CA LEU B 539 -29.22 3.87 -21.24
C LEU B 539 -28.71 2.88 -22.28
N PRO B 540 -29.09 1.59 -22.28
CA PRO B 540 -28.69 0.73 -23.40
C PRO B 540 -29.13 1.25 -24.75
N LYS B 541 -30.31 1.88 -24.83
CA LYS B 541 -30.77 2.45 -26.09
C LYS B 541 -29.98 3.70 -26.45
N LEU B 542 -29.47 4.42 -25.44
CA LEU B 542 -28.66 5.60 -25.72
C LEU B 542 -27.29 5.20 -26.25
N LEU B 543 -26.64 4.22 -25.64
CA LEU B 543 -25.32 3.79 -26.10
C LEU B 543 -25.41 3.14 -27.48
N SER B 544 -26.49 2.41 -27.76
CA SER B 544 -26.61 1.73 -29.04
C SER B 544 -26.82 2.71 -30.19
N ALA B 545 -27.44 3.86 -29.92
CA ALA B 545 -27.70 4.86 -30.95
C ALA B 545 -26.72 6.03 -30.87
N THR B 546 -25.43 5.71 -30.75
CA THR B 546 -24.40 6.75 -30.67
C THR B 546 -23.09 6.26 -31.30
C1 GOL C . 9.21 9.59 -4.94
O1 GOL C . 9.37 9.39 -6.32
C2 GOL C . 9.16 8.25 -4.21
O2 GOL C . 9.55 8.40 -2.87
C3 GOL C . 10.09 7.25 -4.90
O3 GOL C . 10.17 6.09 -4.10
C1 GOL D . 19.02 -4.88 -1.57
O1 GOL D . 18.85 -5.59 -2.79
C2 GOL D . 20.42 -5.10 -1.02
O2 GOL D . 20.74 -4.03 -0.15
C3 GOL D . 21.45 -5.13 -2.15
O3 GOL D . 22.62 -5.80 -1.75
C1 GOL E . 29.60 8.58 -14.08
O1 GOL E . 30.84 9.21 -14.32
C2 GOL E . 28.47 9.43 -14.67
O2 GOL E . 27.22 8.85 -14.34
C3 GOL E . 28.54 10.83 -14.08
O3 GOL E . 27.96 10.84 -12.80
N NO3 F . 22.64 0.82 -16.85
O1 NO3 F . 22.99 2.03 -17.01
O2 NO3 F . 23.31 0.06 -16.08
O3 NO3 F . 21.63 0.36 -17.45
C1 AA G . 13.51 3.01 -2.20
C2 AA G . 13.70 2.29 -3.37
C3 AA G . 14.95 2.30 -3.98
C4 AA G . 16.00 3.02 -3.42
C5 AA G . 17.76 5.82 -0.11
C6 AA G . 17.63 6.56 1.05
C7 AA G . 16.42 6.60 1.72
C8 AA G . 15.33 5.91 1.22
C9 AA G . 14.37 4.46 -0.46
N10 AA G . 16.80 4.42 -1.72
C11 AA G . 16.67 5.13 -0.61
C12 AA G . 15.45 5.17 0.06
C13 AA G . 14.55 3.73 -1.64
C14 AA G . 15.79 3.75 -2.25
N9 AA G . 13.11 4.49 0.20
C1 GOL H . -12.91 -0.62 -3.61
O1 GOL H . -12.61 -1.51 -2.55
C2 GOL H . -11.96 -0.87 -4.77
O2 GOL H . -11.32 -2.11 -4.58
C3 GOL H . -12.75 -0.90 -6.07
O3 GOL H . -13.37 0.35 -6.28
C1 GOL I . -16.23 -2.16 10.79
O1 GOL I . -15.95 -1.06 11.63
C2 GOL I . -16.66 -3.37 11.62
O2 GOL I . -17.47 -4.22 10.84
C3 GOL I . -17.42 -2.94 12.88
O3 GOL I . -18.74 -2.59 12.54
C1 AA J . -14.88 -7.08 0.35
C2 AA J . -15.89 -8.02 0.19
C3 AA J . -17.19 -7.72 0.55
C4 AA J . -17.49 -6.46 1.09
C5 AA J . -16.23 -2.18 2.47
C6 AA J . -15.27 -1.20 2.66
C7 AA J . -13.95 -1.43 2.32
C8 AA J . -13.58 -2.65 1.78
C9 AA J . -14.16 -4.87 1.06
N10 AA J . -16.77 -4.35 1.76
C11 AA J . -15.87 -3.40 1.93
C12 AA J . -14.55 -3.63 1.59
C13 AA J . -15.17 -5.84 0.88
C14 AA J . -16.48 -5.53 1.25
N9 AA J . -12.82 -5.12 0.70
#